data_9RPR
#
_entry.id   9RPR
#
_cell.length_a   1.00
_cell.length_b   1.00
_cell.length_c   1.00
_cell.angle_alpha   90.00
_cell.angle_beta   90.00
_cell.angle_gamma   90.00
#
_symmetry.space_group_name_H-M   'P 1'
#
loop_
_entity.id
_entity.type
_entity.pdbx_description
1 polymer 'LPS-assembly lipoprotein LptE'
2 polymer 'LPS-assembly protein LptD'
3 polymer 'LPS-assembly lipoprotein LptM'
4 non-polymer 'PALMITIC ACID'
5 non-polymer '(2S)-propane-1,2-diyl dihexadecanoate'
#
loop_
_entity_poly.entity_id
_entity_poly.type
_entity_poly.pdbx_seq_one_letter_code
_entity_poly.pdbx_strand_id
1 'polypeptide(L)'
;MRYLATLLLSLAVLITAGCGWHLRDTTQVPSTMKVMILDSGDPNGPLSRAVRNQLRLNGVELLDKETTRKDVPSLRLGKV
SIAKDTASVFRNGQTAEYQMIMTVNATVLIPGRDIYPISAKVFRSFFDNPQMALAKDNEQDMIVKEMYDRAAEQLIRKLP
SIRAADIRSDEEQTSTTTDTPATPARVSTMLGNHHHHHH
;
B
2 'polypeptide(L)'
;MKKRIPTLLATMIATALYSQQGLAADLASQCMLGVPSYDRPLVQGDTNDLPVTINADHAKGDYPDDAVFTGSVDIMQGNS
RLQADEVQLHQKEAPGQPEPVRTVDALGNVHYDDNQVILKGPKGWANLNTKDTNVWEGDYQMVGRQGRGKADLMKQRGEN
RYTILDNGSFTSCLPGSDTWSVVGSEIIHDREEQVAEIWNARFKVGPVPIFYSPYLQLPVGDKRRSGFLIPNAKYTTTNY
FEFYLPYYWNIAPNMDATITPHYMHRRGNIMWENEFRYLSQAGAGLMELDYLPSDKVYEDEHPNDDSSRRWLFYWNHSGV
MDQVWRFNVDYTKVSDPSYFNDFDNKYGSSTDGYATQKFSVGYAVQNFNATVSTKQFQVFSEQNTSSYSAEPQLDVNYYQ
NDVGPFDTRIYGQAVHFVNTRDDMPEATRVHLEPTINLPLSNNWGSINTEAKLLATHYQQTNLDWYNSRNTTKLDESVNR
VMPQFKVDGKMVFERDMEMLAPGYTQTLEPRAQYLYVPYRDQSDIYNYDSSLLQSDYSGLFRDRTYGGLDRIASANQVTT
GVTSRIYDDAAVERFNISVGQIYYFTESRTGDDNITWENDDKTGSLVWAGDTYWRISERWGLRGGIQYDTRLDNVATSNS
SIEYRRDEDRLVQLNYRYASPEYIQATLPKYYSTAEQYKNGISQVGAVASWPIADRWSIVGAYYYDTNANKQADSMLGVQ
YSSCCYAIRVGYERKLNGWDNDKQHAVYDNAIGFNIELRGLSSNYGLGTQEMLRSNILPYQNTL
;
A
3 'polypeptide(L)' CGLKGPLYFPPADKNAPPPTKPVETQTQSTVPDKNDRATGDGPSQVNY C
#
loop_
_chem_comp.id
_chem_comp.type
_chem_comp.name
_chem_comp.formula
PLM non-polymer 'PALMITIC ACID' 'C16 H32 O2'
PXS non-polymer '(2S)-propane-1,2-diyl dihexadecanoate' 'C35 H68 O4'
#
# COMPACT_ATOMS: atom_id res chain seq x y z
N CYS A 19 -24.44 21.56 -32.60
CA CYS A 19 -24.35 20.52 -33.60
C CYS A 19 -24.57 19.14 -32.99
N GLY A 20 -25.82 18.87 -32.60
CA GLY A 20 -26.17 17.63 -31.94
C GLY A 20 -26.17 17.70 -30.43
N TRP A 21 -25.58 18.73 -29.84
CA TRP A 21 -25.54 18.85 -28.39
C TRP A 21 -26.91 19.24 -27.83
N HIS A 22 -27.19 18.76 -26.62
CA HIS A 22 -28.39 19.14 -25.90
C HIS A 22 -28.13 18.97 -24.42
N LEU A 23 -28.83 19.77 -23.62
CA LEU A 23 -28.66 19.68 -22.17
C LEU A 23 -29.06 18.29 -21.70
N ARG A 24 -28.38 17.82 -20.64
CA ARG A 24 -28.64 16.48 -20.14
C ARG A 24 -30.08 16.35 -19.68
N ASP A 25 -30.87 15.56 -20.42
CA ASP A 25 -32.28 15.42 -20.08
C ASP A 25 -32.53 14.42 -18.96
N THR A 26 -31.67 13.43 -18.80
CA THR A 26 -31.83 12.43 -17.76
C THR A 26 -30.98 12.80 -16.54
N THR A 27 -31.30 12.21 -15.41
CA THR A 27 -30.65 12.52 -14.15
C THR A 27 -29.28 11.87 -14.07
N GLN A 28 -28.54 12.21 -13.01
CA GLN A 28 -27.26 11.58 -12.77
C GLN A 28 -27.42 10.18 -12.17
N VAL A 29 -28.01 10.09 -11.00
CA VAL A 29 -28.29 8.79 -10.38
C VAL A 29 -29.53 8.22 -11.07
N PRO A 30 -29.60 6.91 -11.28
CA PRO A 30 -30.78 6.33 -11.93
C PRO A 30 -32.03 6.53 -11.10
N SER A 31 -33.17 6.57 -11.78
CA SER A 31 -34.45 6.74 -11.08
C SER A 31 -34.74 5.58 -10.14
N THR A 32 -34.21 4.40 -10.44
CA THR A 32 -34.38 3.25 -9.57
C THR A 32 -33.71 3.47 -8.23
N MET A 33 -32.52 4.07 -8.23
CA MET A 33 -31.74 4.29 -7.02
C MET A 33 -32.00 5.65 -6.39
N LYS A 34 -33.23 6.17 -6.53
CA LYS A 34 -33.56 7.45 -5.90
C LYS A 34 -33.59 7.32 -4.38
N VAL A 35 -34.02 6.16 -3.87
CA VAL A 35 -33.94 5.85 -2.45
C VAL A 35 -32.99 4.67 -2.30
N MET A 36 -31.95 4.86 -1.49
CA MET A 36 -30.93 3.84 -1.35
C MET A 36 -30.57 3.68 0.12
N ILE A 37 -29.91 2.57 0.42
CA ILE A 37 -29.33 2.30 1.73
C ILE A 37 -27.83 2.44 1.57
N LEU A 38 -27.21 3.34 2.36
CA LEU A 38 -25.77 3.44 2.38
C LEU A 38 -25.26 2.59 3.54
N ASP A 39 -24.40 1.64 3.24
CA ASP A 39 -23.92 0.65 4.18
C ASP A 39 -22.40 0.66 4.17
N SER A 40 -21.79 0.57 5.35
CA SER A 40 -20.35 0.70 5.46
C SER A 40 -19.90 0.10 6.79
N GLY A 41 -18.66 -0.41 6.79
CA GLY A 41 -18.05 -0.87 8.02
C GLY A 41 -17.40 0.21 8.85
N ASP A 42 -17.21 1.38 8.26
CA ASP A 42 -16.69 2.56 8.94
C ASP A 42 -17.63 3.72 8.66
N PRO A 43 -18.82 3.73 9.28
CA PRO A 43 -19.85 4.69 8.88
C PRO A 43 -19.48 6.13 9.12
N ASN A 44 -18.56 6.41 10.02
CA ASN A 44 -18.16 7.76 10.38
C ASN A 44 -16.85 8.17 9.73
N GLY A 45 -16.39 7.43 8.73
CA GLY A 45 -15.11 7.67 8.12
C GLY A 45 -15.18 8.72 7.03
N PRO A 46 -14.01 9.05 6.48
CA PRO A 46 -13.95 10.11 5.46
C PRO A 46 -14.59 9.75 4.14
N LEU A 47 -14.58 8.48 3.73
CA LEU A 47 -15.22 8.12 2.47
C LEU A 47 -16.74 8.06 2.62
N SER A 48 -17.22 7.58 3.76
CA SER A 48 -18.65 7.55 3.99
C SER A 48 -19.24 8.95 4.03
N ARG A 49 -18.50 9.90 4.63
CA ARG A 49 -18.95 11.29 4.65
C ARG A 49 -18.95 11.88 3.25
N ALA A 50 -17.95 11.55 2.44
CA ALA A 50 -17.89 12.06 1.07
C ALA A 50 -18.99 11.49 0.20
N VAL A 51 -19.26 10.19 0.32
CA VAL A 51 -20.31 9.56 -0.49
C VAL A 51 -21.68 10.03 -0.04
N ARG A 52 -21.90 10.14 1.27
CA ARG A 52 -23.19 10.56 1.79
C ARG A 52 -23.51 11.99 1.38
N ASN A 53 -22.51 12.87 1.36
CA ASN A 53 -22.74 14.25 0.92
C ASN A 53 -22.97 14.32 -0.58
N GLN A 54 -22.24 13.51 -1.35
CA GLN A 54 -22.42 13.50 -2.81
C GLN A 54 -23.79 12.99 -3.21
N LEU A 55 -24.29 11.95 -2.54
CA LEU A 55 -25.63 11.46 -2.80
C LEU A 55 -26.69 12.45 -2.35
N ARG A 56 -26.41 13.24 -1.31
CA ARG A 56 -27.37 14.24 -0.86
C ARG A 56 -27.51 15.36 -1.88
N LEU A 57 -26.43 15.71 -2.56
CA LEU A 57 -26.50 16.69 -3.64
C LEU A 57 -27.40 16.21 -4.77
N ASN A 58 -27.30 14.94 -5.12
CA ASN A 58 -28.10 14.36 -6.18
C ASN A 58 -29.54 14.07 -5.74
N GLY A 59 -29.96 14.59 -4.60
CA GLY A 59 -31.32 14.44 -4.15
C GLY A 59 -31.74 13.03 -3.82
N VAL A 60 -30.81 12.22 -3.33
CA VAL A 60 -31.08 10.82 -2.99
C VAL A 60 -31.44 10.75 -1.52
N GLU A 61 -32.52 10.04 -1.22
CA GLU A 61 -32.93 9.82 0.16
C GLU A 61 -32.26 8.57 0.70
N LEU A 62 -31.47 8.72 1.75
CA LEU A 62 -30.70 7.62 2.32
C LEU A 62 -31.42 7.05 3.53
N LEU A 63 -31.54 5.73 3.57
CA LEU A 63 -32.20 5.02 4.66
C LEU A 63 -31.16 4.31 5.53
N ASP A 64 -31.57 3.99 6.74
CA ASP A 64 -30.72 3.22 7.64
C ASP A 64 -30.64 1.77 7.17
N LYS A 65 -29.53 1.11 7.51
CA LYS A 65 -29.36 -0.30 7.16
C LYS A 65 -30.46 -1.15 7.76
N GLU A 66 -30.76 -0.93 9.05
CA GLU A 66 -31.81 -1.69 9.73
C GLU A 66 -33.17 -1.01 9.52
N THR A 67 -33.68 -1.17 8.30
CA THR A 67 -34.93 -0.55 7.91
C THR A 67 -35.97 -1.61 7.58
N THR A 68 -37.24 -1.18 7.58
CA THR A 68 -38.34 -2.05 7.21
C THR A 68 -38.43 -2.24 5.69
N ARG A 69 -37.80 -1.38 4.92
CA ARG A 69 -37.88 -1.46 3.46
C ARG A 69 -37.12 -2.69 2.96
N LYS A 70 -37.78 -3.47 2.10
CA LYS A 70 -37.18 -4.67 1.50
C LYS A 70 -37.16 -4.59 -0.02
N ASP A 71 -37.25 -3.38 -0.57
CA ASP A 71 -37.27 -3.21 -2.02
C ASP A 71 -36.43 -2.02 -2.48
N VAL A 72 -35.44 -1.62 -1.69
CA VAL A 72 -34.57 -0.51 -2.06
C VAL A 72 -33.15 -1.05 -2.28
N PRO A 73 -32.42 -0.54 -3.27
CA PRO A 73 -31.04 -0.99 -3.46
C PRO A 73 -30.14 -0.57 -2.30
N SER A 74 -29.11 -1.36 -2.07
CA SER A 74 -28.17 -1.12 -0.99
C SER A 74 -26.78 -0.89 -1.57
N LEU A 75 -26.17 0.23 -1.20
CA LEU A 75 -24.80 0.56 -1.59
C LEU A 75 -23.87 0.20 -0.46
N ARG A 76 -22.90 -0.67 -0.74
CA ARG A 76 -21.97 -1.17 0.25
C ARG A 76 -20.59 -0.62 -0.06
N LEU A 77 -19.97 0.04 0.91
CA LEU A 77 -18.62 0.56 0.78
C LEU A 77 -17.65 -0.43 1.39
N GLY A 78 -16.62 -0.79 0.63
CA GLY A 78 -15.72 -1.84 1.05
C GLY A 78 -14.32 -1.37 1.39
N LYS A 79 -13.32 -2.04 0.82
CA LYS A 79 -11.93 -1.79 1.17
C LYS A 79 -11.42 -0.51 0.51
N VAL A 80 -10.78 0.34 1.31
CA VAL A 80 -10.18 1.58 0.84
C VAL A 80 -8.69 1.51 1.10
N SER A 81 -7.88 1.79 0.08
CA SER A 81 -6.43 1.77 0.19
C SER A 81 -5.87 3.10 -0.25
N ILE A 82 -4.93 3.65 0.52
CA ILE A 82 -4.17 4.83 0.16
C ILE A 82 -2.69 4.48 0.23
N ALA A 83 -1.95 4.83 -0.81
CA ALA A 83 -0.52 4.53 -0.88
C ALA A 83 0.23 5.74 -1.38
N LYS A 84 1.36 6.05 -0.75
CA LYS A 84 2.25 7.10 -1.21
C LYS A 84 3.59 6.48 -1.58
N ASP A 85 4.03 6.67 -2.83
CA ASP A 85 5.25 6.08 -3.31
C ASP A 85 6.12 7.14 -3.97
N THR A 86 7.42 6.86 -4.04
CA THR A 86 8.35 7.71 -4.76
C THR A 86 8.11 7.57 -6.25
N ALA A 87 7.88 8.70 -6.92
CA ALA A 87 7.65 8.71 -8.36
C ALA A 87 8.87 9.13 -9.16
N SER A 88 9.72 9.99 -8.60
CA SER A 88 10.95 10.41 -9.26
C SER A 88 11.95 10.81 -8.18
N VAL A 89 13.24 10.83 -8.57
CA VAL A 89 14.32 11.10 -7.64
C VAL A 89 15.24 12.15 -8.24
N PHE A 90 15.99 12.81 -7.36
CA PHE A 90 17.03 13.75 -7.77
C PHE A 90 18.31 12.98 -8.08
N ARG A 91 19.36 13.71 -8.45
CA ARG A 91 20.59 13.05 -8.87
C ARG A 91 21.38 12.47 -7.71
N ASN A 92 20.98 12.73 -6.47
CA ASN A 92 21.58 12.09 -5.32
C ASN A 92 20.74 10.95 -4.78
N GLY A 93 19.68 10.58 -5.49
CA GLY A 93 18.82 9.50 -5.06
C GLY A 93 17.68 9.91 -4.16
N GLN A 94 17.63 11.16 -3.72
CA GLN A 94 16.59 11.61 -2.81
C GLN A 94 15.27 11.76 -3.56
N THR A 95 14.17 11.67 -2.83
CA THR A 95 12.86 11.80 -3.44
C THR A 95 12.66 13.22 -3.98
N ALA A 96 12.11 13.30 -5.19
CA ALA A 96 11.66 14.56 -5.76
C ALA A 96 10.14 14.69 -5.68
N GLU A 97 9.41 13.70 -6.19
CA GLU A 97 7.96 13.71 -6.23
C GLU A 97 7.41 12.46 -5.55
N TYR A 98 6.31 12.62 -4.83
CA TYR A 98 5.54 11.53 -4.26
C TYR A 98 4.24 11.40 -5.03
N GLN A 99 3.87 10.18 -5.38
CA GLN A 99 2.60 9.92 -6.02
C GLN A 99 1.70 9.14 -5.08
N MET A 100 0.47 9.61 -4.90
CA MET A 100 -0.51 8.98 -4.05
C MET A 100 -1.60 8.36 -4.89
N ILE A 101 -2.00 7.14 -4.54
CA ILE A 101 -3.06 6.42 -5.23
C ILE A 101 -4.10 5.99 -4.20
N MET A 102 -5.37 6.28 -4.48
CA MET A 102 -6.48 5.84 -3.65
C MET A 102 -7.37 4.90 -4.46
N THR A 103 -7.61 3.71 -3.94
CA THR A 103 -8.43 2.71 -4.59
C THR A 103 -9.59 2.36 -3.68
N VAL A 104 -10.81 2.39 -4.22
CA VAL A 104 -12.03 2.15 -3.48
C VAL A 104 -12.80 1.03 -4.16
N ASN A 105 -13.28 0.07 -3.37
CA ASN A 105 -14.13 -1.00 -3.87
C ASN A 105 -15.50 -0.90 -3.22
N ALA A 106 -16.53 -1.24 -3.99
CA ALA A 106 -17.91 -1.14 -3.51
C ALA A 106 -18.77 -2.13 -4.29
N THR A 107 -19.98 -2.35 -3.80
CA THR A 107 -20.97 -3.18 -4.48
C THR A 107 -22.34 -2.51 -4.37
N VAL A 108 -23.19 -2.75 -5.36
CA VAL A 108 -24.57 -2.28 -5.35
C VAL A 108 -25.47 -3.49 -5.47
N LEU A 109 -26.23 -3.77 -4.42
CA LEU A 109 -27.11 -4.92 -4.38
C LEU A 109 -28.54 -4.49 -4.73
N ILE A 110 -29.04 -4.95 -5.87
CA ILE A 110 -30.43 -4.74 -6.27
C ILE A 110 -31.26 -5.77 -5.51
N PRO A 111 -32.43 -5.41 -4.98
CA PRO A 111 -33.21 -6.39 -4.20
C PRO A 111 -33.92 -7.42 -5.08
N GLY A 112 -33.21 -8.47 -5.46
CA GLY A 112 -33.79 -9.52 -6.28
C GLY A 112 -32.87 -9.96 -7.40
N ARG A 113 -32.07 -9.05 -7.92
CA ARG A 113 -31.08 -9.35 -8.93
C ARG A 113 -29.75 -9.67 -8.25
N ASP A 114 -28.67 -9.73 -9.02
CA ASP A 114 -27.38 -10.10 -8.48
C ASP A 114 -26.73 -8.89 -7.80
N ILE A 115 -25.46 -9.01 -7.46
CA ILE A 115 -24.68 -7.94 -6.83
C ILE A 115 -23.68 -7.42 -7.84
N TYR A 116 -23.68 -6.10 -8.04
CA TYR A 116 -22.84 -5.47 -9.05
C TYR A 116 -21.69 -4.73 -8.41
N PRO A 117 -20.46 -5.15 -8.61
CA PRO A 117 -19.32 -4.42 -8.02
C PRO A 117 -18.87 -3.24 -8.87
N ILE A 118 -18.37 -2.22 -8.17
CA ILE A 118 -17.80 -1.03 -8.79
C ILE A 118 -16.50 -0.68 -8.09
N SER A 119 -15.76 0.27 -8.66
CA SER A 119 -14.45 0.61 -8.15
C SER A 119 -14.11 2.05 -8.52
N ALA A 120 -13.09 2.59 -7.86
CA ALA A 120 -12.58 3.92 -8.16
C ALA A 120 -11.07 3.91 -7.96
N LYS A 121 -10.38 4.80 -8.67
CA LYS A 121 -8.94 4.97 -8.52
C LYS A 121 -8.57 6.41 -8.82
N VAL A 122 -7.86 7.05 -7.89
CA VAL A 122 -7.49 8.46 -7.99
C VAL A 122 -5.98 8.58 -7.83
N PHE A 123 -5.35 9.36 -8.70
CA PHE A 123 -3.92 9.59 -8.69
C PHE A 123 -3.64 11.06 -8.40
N ARG A 124 -2.70 11.32 -7.49
CA ARG A 124 -2.24 12.67 -7.21
C ARG A 124 -0.74 12.63 -6.99
N SER A 125 -0.09 13.79 -7.09
CA SER A 125 1.34 13.86 -6.83
C SER A 125 1.71 15.24 -6.33
N PHE A 126 2.86 15.31 -5.65
CA PHE A 126 3.34 16.57 -5.10
C PHE A 126 4.83 16.43 -4.82
N PHE A 127 5.49 17.58 -4.70
CA PHE A 127 6.93 17.63 -4.44
C PHE A 127 7.20 17.60 -2.95
N ASP A 128 8.37 17.08 -2.59
CA ASP A 128 8.77 16.92 -1.20
C ASP A 128 9.78 18.00 -0.82
N ASN A 129 9.65 18.51 0.41
CA ASN A 129 10.52 19.57 0.91
C ASN A 129 10.89 19.24 2.35
N PRO A 130 12.09 18.69 2.58
CA PRO A 130 12.50 18.40 3.97
C PRO A 130 12.70 19.63 4.83
N GLN A 131 12.88 20.80 4.23
CA GLN A 131 13.05 22.04 4.99
C GLN A 131 11.74 22.58 5.53
N MET A 132 10.61 22.12 5.02
CA MET A 132 9.29 22.51 5.50
C MET A 132 8.45 21.25 5.64
N ALA A 133 8.96 20.28 6.38
CA ALA A 133 8.31 18.98 6.49
C ALA A 133 6.94 19.08 7.17
N LEU A 134 6.81 19.97 8.15
CA LEU A 134 5.51 20.17 8.78
C LEU A 134 4.50 20.73 7.78
N ALA A 135 4.93 21.68 6.96
CA ALA A 135 4.06 22.25 5.94
C ALA A 135 3.66 21.22 4.91
N LYS A 136 4.58 20.33 4.54
CA LYS A 136 4.27 19.28 3.57
C LYS A 136 3.38 18.21 4.18
N ASP A 137 3.35 18.09 5.50
CA ASP A 137 2.43 17.18 6.16
C ASP A 137 1.00 17.69 6.03
N ASN A 138 0.79 18.99 6.23
CA ASN A 138 -0.52 19.58 6.08
C ASN A 138 -0.99 19.54 4.63
N GLU A 139 -0.07 19.74 3.69
CA GLU A 139 -0.44 19.63 2.28
C GLU A 139 -0.92 18.24 1.93
N GLN A 140 -0.26 17.22 2.45
CA GLN A 140 -0.66 15.83 2.19
C GLN A 140 -2.02 15.53 2.79
N ASP A 141 -2.31 16.05 3.99
CA ASP A 141 -3.61 15.84 4.59
C ASP A 141 -4.71 16.49 3.75
N MET A 142 -4.43 17.67 3.20
CA MET A 142 -5.38 18.32 2.31
C MET A 142 -5.60 17.51 1.04
N ILE A 143 -4.54 16.92 0.50
CA ILE A 143 -4.65 16.16 -0.74
C ILE A 143 -5.53 14.94 -0.54
N VAL A 144 -5.40 14.26 0.60
CA VAL A 144 -6.17 13.05 0.86
C VAL A 144 -7.66 13.36 0.96
N LYS A 145 -8.01 14.51 1.55
CA LYS A 145 -9.42 14.89 1.61
C LYS A 145 -10.00 15.10 0.23
N GLU A 146 -9.22 15.72 -0.67
CA GLU A 146 -9.68 15.91 -2.05
C GLU A 146 -9.81 14.58 -2.78
N MET A 147 -8.88 13.66 -2.55
CA MET A 147 -8.95 12.36 -3.20
C MET A 147 -10.20 11.60 -2.75
N TYR A 148 -10.68 11.85 -1.53
CA TYR A 148 -11.89 11.21 -1.07
C TYR A 148 -13.12 11.79 -1.76
N ASP A 149 -13.09 13.08 -2.09
CA ASP A 149 -14.19 13.68 -2.86
C ASP A 149 -14.22 13.15 -4.28
N ARG A 150 -13.06 12.98 -4.91
CA ARG A 150 -13.01 12.47 -6.27
C ARG A 150 -13.48 11.03 -6.34
N ALA A 151 -13.08 10.21 -5.37
CA ALA A 151 -13.47 8.80 -5.38
C ALA A 151 -14.96 8.65 -5.16
N ALA A 152 -15.57 9.55 -4.38
CA ALA A 152 -17.02 9.52 -4.20
C ALA A 152 -17.75 9.88 -5.48
N GLU A 153 -17.18 10.78 -6.29
CA GLU A 153 -17.80 11.14 -7.57
C GLU A 153 -17.67 10.01 -8.57
N GLN A 154 -16.52 9.34 -8.61
CA GLN A 154 -16.30 8.28 -9.58
C GLN A 154 -17.26 7.12 -9.37
N LEU A 155 -17.54 6.78 -8.11
CA LEU A 155 -18.49 5.71 -7.84
C LEU A 155 -19.89 6.07 -8.29
N ILE A 156 -20.29 7.33 -8.11
CA ILE A 156 -21.63 7.75 -8.48
C ILE A 156 -21.79 7.83 -9.99
N ARG A 157 -20.73 8.17 -10.71
CA ARG A 157 -20.78 8.13 -12.16
C ARG A 157 -20.89 6.71 -12.70
N LYS A 158 -20.66 5.68 -11.88
CA LYS A 158 -20.80 4.30 -12.29
C LYS A 158 -22.19 3.74 -12.05
N LEU A 159 -23.08 4.49 -11.41
CA LEU A 159 -24.43 4.00 -11.17
C LEU A 159 -25.22 3.78 -12.45
N PRO A 160 -25.19 4.67 -13.45
CA PRO A 160 -25.89 4.36 -14.71
C PRO A 160 -25.39 3.10 -15.40
N SER A 161 -24.13 2.74 -15.22
CA SER A 161 -23.62 1.52 -15.82
C SER A 161 -24.23 0.28 -15.18
N ILE A 162 -24.54 0.34 -13.88
CA ILE A 162 -25.17 -0.76 -13.19
C ILE A 162 -26.62 -0.93 -13.64
N ARG A 163 -27.33 0.18 -13.80
CA ARG A 163 -28.72 0.12 -14.26
C ARG A 163 -28.80 -0.49 -15.65
N ALA A 164 -27.86 -0.17 -16.53
CA ALA A 164 -27.85 -0.75 -17.86
C ALA A 164 -27.67 -2.26 -17.81
N ALA A 165 -26.73 -2.72 -16.98
CA ALA A 165 -26.52 -4.16 -16.84
C ALA A 165 -27.76 -4.85 -16.26
N ASP A 166 -28.51 -4.15 -15.42
CA ASP A 166 -29.72 -4.72 -14.85
C ASP A 166 -30.76 -4.99 -15.94
N ILE A 167 -30.92 -4.06 -16.88
CA ILE A 167 -31.89 -4.24 -17.95
C ILE A 167 -31.47 -5.36 -18.88
N ARG A 168 -30.17 -5.52 -19.11
CA ARG A 168 -29.68 -6.58 -19.99
C ARG A 168 -29.99 -7.95 -19.41
N SER A 169 -29.80 -8.13 -18.11
CA SER A 169 -30.05 -9.42 -17.47
C SER A 169 -31.54 -9.62 -17.20
N ALA B 25 -2.72 -23.83 -16.92
CA ALA B 25 -3.33 -23.75 -15.61
C ALA B 25 -2.34 -23.26 -14.57
N ASP B 26 -2.84 -22.78 -13.44
CA ASP B 26 -1.98 -22.25 -12.40
C ASP B 26 -1.19 -23.37 -11.76
N LEU B 27 -0.15 -22.98 -11.01
CA LEU B 27 0.72 -23.95 -10.38
C LEU B 27 -0.03 -24.78 -9.34
N ALA B 28 -0.94 -24.15 -8.60
CA ALA B 28 -1.60 -24.83 -7.50
C ALA B 28 -2.39 -26.04 -7.98
N SER B 29 -3.12 -25.90 -9.08
CA SER B 29 -3.88 -27.01 -9.65
C SER B 29 -3.06 -27.86 -10.61
N GLN B 30 -1.89 -27.39 -11.03
CA GLN B 30 -1.00 -28.23 -11.83
C GLN B 30 -0.28 -29.25 -10.97
N CYS B 31 -0.02 -28.91 -9.71
CA CYS B 31 0.58 -29.85 -8.77
C CYS B 31 -0.44 -30.76 -8.11
N MET B 32 -1.72 -30.58 -8.41
CA MET B 32 -2.78 -31.37 -7.76
C MET B 32 -3.06 -32.65 -8.54
N LEU B 33 -3.21 -32.54 -9.85
CA LEU B 33 -3.52 -33.71 -10.67
C LEU B 33 -2.44 -34.77 -10.54
N GLY B 34 -1.23 -34.36 -10.13
CA GLY B 34 -0.16 -35.33 -9.94
C GLY B 34 -0.42 -36.28 -8.78
N VAL B 35 -1.09 -35.78 -7.73
CA VAL B 35 -1.29 -36.54 -6.50
C VAL B 35 -2.49 -37.47 -6.61
N PRO B 36 -2.53 -38.57 -5.87
CA PRO B 36 -3.70 -39.44 -5.88
C PRO B 36 -4.91 -38.76 -5.25
N SER B 37 -6.10 -39.16 -5.73
CA SER B 37 -7.37 -38.62 -5.26
C SER B 37 -8.31 -39.77 -4.94
N TYR B 38 -9.21 -39.53 -3.99
CA TYR B 38 -10.16 -40.55 -3.58
C TYR B 38 -11.18 -40.80 -4.69
N ALA B 67 -9.47 -68.03 9.49
CA ALA B 67 -10.37 -67.76 8.39
C ALA B 67 -9.60 -67.24 7.19
N VAL B 68 -8.65 -68.04 6.72
CA VAL B 68 -7.79 -67.64 5.62
C VAL B 68 -8.62 -67.50 4.34
N PHE B 69 -8.28 -66.52 3.52
CA PHE B 69 -8.95 -66.30 2.25
C PHE B 69 -8.18 -66.87 1.06
N THR B 70 -6.87 -66.63 1.00
CA THR B 70 -5.93 -67.18 0.04
C THR B 70 -6.16 -66.69 -1.39
N GLY B 71 -7.19 -65.90 -1.63
CA GLY B 71 -7.49 -65.40 -2.96
C GLY B 71 -7.31 -63.90 -3.07
N SER B 72 -7.57 -63.40 -4.28
CA SER B 72 -7.51 -61.96 -4.51
C SER B 72 -8.56 -61.27 -3.64
N VAL B 73 -8.11 -60.57 -2.60
CA VAL B 73 -8.97 -60.03 -1.56
C VAL B 73 -9.21 -58.56 -1.85
N ASP B 74 -10.45 -58.11 -1.60
CA ASP B 74 -10.82 -56.72 -1.75
C ASP B 74 -11.70 -56.29 -0.59
N ILE B 75 -11.31 -56.66 0.63
CA ILE B 75 -12.14 -56.39 1.80
C ILE B 75 -12.15 -54.91 2.11
N MET B 76 -13.35 -54.34 2.25
CA MET B 76 -13.52 -52.92 2.50
C MET B 76 -14.39 -52.72 3.73
N GLN B 77 -14.00 -51.79 4.59
CA GLN B 77 -14.73 -51.48 5.81
C GLN B 77 -15.03 -49.98 5.80
N GLY B 78 -16.09 -49.60 5.12
CA GLY B 78 -16.47 -48.20 5.03
C GLY B 78 -15.64 -47.39 4.06
N ASN B 79 -14.38 -47.16 4.39
CA ASN B 79 -13.44 -46.40 3.58
C ASN B 79 -12.15 -47.14 3.30
N SER B 80 -11.64 -47.91 4.27
CA SER B 80 -10.33 -48.53 4.18
C SER B 80 -10.40 -49.85 3.42
N ARG B 81 -9.49 -50.03 2.48
CA ARG B 81 -9.40 -51.24 1.67
C ARG B 81 -8.17 -52.04 2.05
N LEU B 82 -8.11 -53.27 1.51
CA LEU B 82 -6.92 -54.11 1.70
C LEU B 82 -6.89 -55.12 0.55
N GLN B 83 -6.08 -54.84 -0.46
CA GLN B 83 -5.98 -55.71 -1.63
C GLN B 83 -4.86 -56.73 -1.46
N ALA B 84 -4.84 -57.43 -0.34
CA ALA B 84 -3.83 -58.43 -0.08
C ALA B 84 -4.19 -59.73 -0.78
N ASP B 85 -3.23 -60.64 -0.82
CA ASP B 85 -3.44 -61.96 -1.42
C ASP B 85 -3.88 -62.97 -0.36
N GLU B 86 -3.04 -63.19 0.65
CA GLU B 86 -3.36 -64.11 1.73
C GLU B 86 -3.63 -63.32 2.99
N VAL B 87 -4.82 -63.47 3.54
CA VAL B 87 -5.23 -62.79 4.76
C VAL B 87 -5.57 -63.84 5.79
N GLN B 88 -4.98 -63.72 6.98
CA GLN B 88 -5.23 -64.65 8.08
C GLN B 88 -5.96 -63.90 9.18
N LEU B 89 -7.21 -64.27 9.41
CA LEU B 89 -8.07 -63.60 10.38
C LEU B 89 -8.16 -64.42 11.66
N HIS B 90 -7.98 -63.76 12.79
CA HIS B 90 -8.05 -64.40 14.10
C HIS B 90 -8.96 -63.61 15.01
N GLN B 91 -9.63 -64.31 15.92
CA GLN B 91 -10.53 -63.70 16.89
C GLN B 91 -10.25 -64.23 18.29
N LYS B 92 -8.97 -64.45 18.60
CA LYS B 92 -8.59 -64.90 19.93
C LYS B 92 -8.91 -63.83 20.96
N GLU B 93 -9.55 -64.23 22.05
CA GLU B 93 -9.99 -63.28 23.07
C GLU B 93 -8.81 -62.68 23.81
N PRO B 100 -13.20 -59.42 21.81
CA PRO B 100 -12.13 -60.26 21.28
C PRO B 100 -10.99 -59.44 20.67
N VAL B 101 -9.80 -60.03 20.64
CA VAL B 101 -8.63 -59.36 20.06
C VAL B 101 -8.58 -59.77 18.59
N ARG B 102 -9.25 -58.99 17.75
CA ARG B 102 -9.34 -59.29 16.33
C ARG B 102 -8.09 -58.80 15.62
N THR B 103 -7.40 -59.71 14.93
CA THR B 103 -6.14 -59.43 14.26
C THR B 103 -6.24 -59.82 12.80
N VAL B 104 -5.58 -59.06 11.93
CA VAL B 104 -5.57 -59.28 10.49
C VAL B 104 -4.12 -59.38 10.04
N ASP B 105 -3.76 -60.52 9.44
CA ASP B 105 -2.39 -60.79 9.03
C ASP B 105 -2.36 -60.90 7.51
N ALA B 106 -2.00 -59.82 6.85
CA ALA B 106 -1.97 -59.76 5.39
C ALA B 106 -0.59 -60.16 4.88
N LEU B 107 -0.57 -60.78 3.70
CA LEU B 107 0.67 -61.25 3.12
C LEU B 107 0.53 -61.28 1.60
N GLY B 108 1.44 -60.60 0.91
CA GLY B 108 1.45 -60.61 -0.54
C GLY B 108 0.85 -59.37 -1.17
N ASN B 109 1.71 -58.45 -1.61
CA ASN B 109 1.29 -57.24 -2.32
C ASN B 109 0.19 -56.49 -1.56
N VAL B 110 0.43 -56.27 -0.27
CA VAL B 110 -0.53 -55.55 0.56
C VAL B 110 -0.71 -54.13 0.02
N HIS B 111 -1.96 -53.72 -0.17
CA HIS B 111 -2.29 -52.41 -0.71
C HIS B 111 -3.38 -51.78 0.17
N TYR B 112 -2.96 -51.12 1.23
CA TYR B 112 -3.88 -50.47 2.16
C TYR B 112 -4.27 -49.12 1.57
N ASP B 113 -5.20 -49.15 0.63
CA ASP B 113 -5.74 -47.93 0.06
C ASP B 113 -6.66 -47.27 1.08
N ASP B 114 -6.83 -45.95 0.95
CA ASP B 114 -7.57 -45.18 1.94
C ASP B 114 -7.92 -43.83 1.33
N ASN B 115 -8.52 -42.95 2.14
CA ASN B 115 -8.72 -41.56 1.78
C ASN B 115 -7.58 -40.66 2.22
N GLN B 116 -6.70 -41.14 3.10
CA GLN B 116 -5.60 -40.34 3.62
C GLN B 116 -4.23 -40.81 3.16
N VAL B 117 -4.01 -42.12 3.07
CA VAL B 117 -2.72 -42.65 2.64
C VAL B 117 -2.95 -43.82 1.69
N ILE B 118 -1.90 -44.12 0.93
CA ILE B 118 -1.82 -45.34 0.11
C ILE B 118 -0.58 -46.08 0.57
N LEU B 119 -0.77 -47.25 1.17
CA LEU B 119 0.34 -48.04 1.68
C LEU B 119 0.51 -49.27 0.81
N LYS B 120 1.75 -49.56 0.44
CA LYS B 120 2.07 -50.76 -0.32
C LYS B 120 3.21 -51.48 0.37
N GLY B 121 3.08 -52.78 0.55
CA GLY B 121 4.13 -53.55 1.18
C GLY B 121 3.98 -55.05 1.00
N PRO B 122 5.11 -55.76 0.98
CA PRO B 122 5.05 -57.22 0.87
C PRO B 122 4.34 -57.91 2.03
N LYS B 123 4.43 -57.37 3.24
CA LYS B 123 3.84 -57.99 4.42
C LYS B 123 3.11 -56.93 5.24
N GLY B 124 1.96 -57.30 5.79
CA GLY B 124 1.15 -56.39 6.57
C GLY B 124 0.66 -57.02 7.84
N TRP B 125 -0.02 -56.22 8.66
CA TRP B 125 -0.54 -56.63 9.95
C TRP B 125 -1.43 -55.52 10.47
N ALA B 126 -2.47 -55.90 11.23
CA ALA B 126 -3.38 -54.91 11.77
C ALA B 126 -4.05 -55.45 13.03
N ASN B 127 -4.57 -54.53 13.83
CA ASN B 127 -5.34 -54.85 15.03
C ASN B 127 -6.66 -54.10 14.96
N LEU B 128 -7.77 -54.83 15.04
CA LEU B 128 -9.09 -54.25 14.82
C LEU B 128 -9.67 -53.60 16.07
N ASN B 129 -9.00 -53.68 17.22
CA ASN B 129 -9.47 -53.05 18.44
C ASN B 129 -8.78 -51.72 18.71
N THR B 130 -7.45 -51.71 18.73
CA THR B 130 -6.69 -50.50 19.00
C THR B 130 -6.30 -49.75 17.74
N LYS B 131 -6.67 -50.27 16.56
CA LYS B 131 -6.35 -49.63 15.28
C LYS B 131 -4.85 -49.39 15.13
N ASP B 132 -4.08 -50.47 15.25
CA ASP B 132 -2.63 -50.44 15.07
C ASP B 132 -2.28 -51.26 13.83
N THR B 133 -1.57 -50.65 12.91
CA THR B 133 -1.17 -51.32 11.68
C THR B 133 0.35 -51.51 11.66
N ASN B 134 0.80 -52.24 10.65
CA ASN B 134 2.22 -52.50 10.45
C ASN B 134 2.40 -52.93 9.00
N VAL B 135 3.18 -52.19 8.24
CA VAL B 135 3.51 -52.54 6.86
C VAL B 135 5.03 -52.61 6.76
N TRP B 136 5.54 -53.71 6.24
CA TRP B 136 6.98 -53.98 6.22
C TRP B 136 7.55 -53.65 4.85
N GLU B 137 8.68 -52.96 4.84
CA GLU B 137 9.44 -52.68 3.62
C GLU B 137 8.55 -52.03 2.56
N GLY B 138 7.89 -50.94 2.93
CA GLY B 138 6.91 -50.37 2.04
C GLY B 138 7.19 -48.97 1.57
N ASP B 139 6.20 -48.39 0.88
CA ASP B 139 6.25 -47.00 0.48
C ASP B 139 4.84 -46.42 0.59
N TYR B 140 4.73 -45.22 1.14
CA TYR B 140 3.45 -44.58 1.37
C TYR B 140 3.28 -43.41 0.42
N GLN B 141 2.08 -42.84 0.46
CA GLN B 141 1.75 -41.69 -0.37
C GLN B 141 0.48 -41.03 0.13
N MET B 142 0.53 -39.74 0.42
CA MET B 142 -0.66 -39.06 0.90
C MET B 142 -1.69 -38.94 -0.21
N VAL B 143 -2.96 -39.02 0.18
CA VAL B 143 -4.09 -38.91 -0.73
C VAL B 143 -4.83 -37.62 -0.41
N GLY B 144 -5.09 -36.83 -1.45
CA GLY B 144 -5.71 -35.53 -1.28
C GLY B 144 -4.75 -34.43 -0.87
N ARG B 145 -3.47 -34.74 -0.68
CA ARG B 145 -2.47 -33.75 -0.35
C ARG B 145 -1.15 -34.21 -0.97
N GLN B 146 -0.12 -33.41 -0.78
CA GLN B 146 1.17 -33.65 -1.41
C GLN B 146 2.16 -34.20 -0.38
N GLY B 147 2.83 -35.28 -0.74
CA GLY B 147 3.78 -35.91 0.16
C GLY B 147 3.88 -37.39 -0.08
N ARG B 148 5.10 -37.91 -0.07
CA ARG B 148 5.32 -39.33 -0.35
C ARG B 148 6.68 -39.71 0.20
N GLY B 149 6.93 -41.00 0.30
CA GLY B 149 8.17 -41.47 0.86
C GLY B 149 8.29 -42.97 0.77
N LYS B 150 9.18 -43.51 1.60
CA LYS B 150 9.48 -44.94 1.58
C LYS B 150 10.23 -45.29 2.86
N ALA B 151 9.69 -46.24 3.62
CA ALA B 151 10.25 -46.61 4.90
C ALA B 151 10.34 -48.13 4.99
N ASP B 152 11.21 -48.60 5.87
CA ASP B 152 11.34 -50.03 6.12
C ASP B 152 10.22 -50.58 6.97
N LEU B 153 9.43 -49.72 7.62
CA LEU B 153 8.34 -50.16 8.49
C LEU B 153 7.44 -48.97 8.72
N MET B 154 6.20 -49.06 8.25
CA MET B 154 5.21 -48.00 8.45
C MET B 154 4.20 -48.45 9.49
N LYS B 155 3.97 -47.60 10.49
CA LYS B 155 3.07 -47.91 11.59
C LYS B 155 2.06 -46.78 11.76
N GLN B 156 0.81 -47.13 11.96
CA GLN B 156 -0.25 -46.19 12.32
C GLN B 156 -0.68 -46.49 13.75
N ARG B 157 -0.60 -45.49 14.62
CA ARG B 157 -0.86 -45.69 16.04
C ARG B 157 -1.76 -44.58 16.57
N GLY B 158 -2.48 -44.90 17.64
CA GLY B 158 -3.34 -43.93 18.32
C GLY B 158 -4.53 -43.49 17.50
N GLU B 159 -5.43 -44.42 17.17
CA GLU B 159 -6.61 -44.14 16.37
C GLU B 159 -6.24 -43.48 15.05
N ASN B 160 -5.17 -43.96 14.44
CA ASN B 160 -4.63 -43.40 13.19
C ASN B 160 -4.30 -41.91 13.37
N ARG B 161 -3.49 -41.61 14.38
CA ARG B 161 -2.96 -40.26 14.59
C ARG B 161 -1.50 -40.18 14.16
N TYR B 162 -0.65 -41.05 14.71
CA TYR B 162 0.76 -41.09 14.37
C TYR B 162 0.99 -42.00 13.16
N THR B 163 1.75 -41.51 12.20
CA THR B 163 2.29 -42.35 11.15
C THR B 163 3.79 -42.38 11.39
N ILE B 164 4.26 -43.47 11.98
CA ILE B 164 5.66 -43.60 12.39
C ILE B 164 6.41 -44.40 11.33
N LEU B 165 7.53 -43.85 10.87
CA LEU B 165 8.37 -44.49 9.88
C LEU B 165 9.71 -44.81 10.50
N ASP B 166 10.17 -46.04 10.33
CA ASP B 166 11.49 -46.47 10.80
C ASP B 166 12.44 -46.47 9.61
N ASN B 167 13.50 -45.68 9.71
CA ASN B 167 14.45 -45.50 8.61
C ASN B 167 13.72 -45.08 7.32
N GLY B 168 12.82 -44.11 7.45
CA GLY B 168 12.03 -43.64 6.35
C GLY B 168 12.52 -42.32 5.79
N SER B 169 11.85 -41.89 4.72
CA SER B 169 12.15 -40.65 4.03
C SER B 169 10.85 -39.92 3.75
N PHE B 170 10.97 -38.67 3.31
CA PHE B 170 9.78 -37.88 2.99
C PHE B 170 10.17 -36.80 2.00
N THR B 171 9.48 -36.74 0.88
CA THR B 171 9.61 -35.66 -0.10
C THR B 171 8.23 -35.24 -0.54
N SER B 172 8.01 -33.94 -0.67
CA SER B 172 6.74 -33.45 -1.17
C SER B 172 6.77 -33.21 -2.66
N CYS B 173 7.78 -33.73 -3.36
CA CYS B 173 7.86 -33.62 -4.80
C CYS B 173 6.97 -34.65 -5.48
N LEU B 174 6.55 -34.33 -6.70
CA LEU B 174 5.65 -35.18 -7.44
C LEU B 174 6.35 -36.47 -7.86
N PRO B 175 5.61 -37.55 -8.09
CA PRO B 175 6.24 -38.83 -8.44
C PRO B 175 7.06 -38.73 -9.71
N GLY B 176 8.19 -39.44 -9.73
CA GLY B 176 9.14 -39.36 -10.81
C GLY B 176 10.12 -38.22 -10.68
N SER B 177 9.94 -37.34 -9.70
CA SER B 177 10.85 -36.24 -9.41
C SER B 177 11.38 -36.39 -8.00
N ASP B 178 12.68 -36.20 -7.82
CA ASP B 178 13.34 -36.39 -6.54
C ASP B 178 14.27 -35.22 -6.24
N THR B 179 13.75 -34.00 -6.37
CA THR B 179 14.56 -32.80 -6.19
C THR B 179 15.17 -32.76 -4.79
N TRP B 180 14.36 -32.99 -3.75
CA TRP B 180 14.88 -33.02 -2.40
C TRP B 180 14.17 -34.10 -1.61
N SER B 181 14.84 -34.55 -0.55
CA SER B 181 14.34 -35.58 0.33
C SER B 181 14.96 -35.35 1.69
N VAL B 182 14.32 -35.90 2.72
CA VAL B 182 14.88 -35.80 4.06
C VAL B 182 14.84 -37.16 4.73
N VAL B 183 15.96 -37.88 4.69
CA VAL B 183 16.02 -39.20 5.31
C VAL B 183 16.35 -39.05 6.79
N GLY B 184 15.58 -39.74 7.61
CA GLY B 184 15.83 -39.79 9.05
C GLY B 184 15.91 -41.24 9.47
N SER B 185 15.51 -41.49 10.71
CA SER B 185 15.42 -42.87 11.18
C SER B 185 14.15 -43.09 11.98
N GLU B 186 13.48 -42.01 12.38
CA GLU B 186 12.26 -42.11 13.16
C GLU B 186 11.30 -40.98 12.81
N ILE B 187 11.05 -40.78 11.51
CA ILE B 187 10.10 -39.75 11.10
C ILE B 187 8.72 -40.08 11.67
N ILE B 188 8.09 -39.08 12.29
CA ILE B 188 6.77 -39.23 12.90
C ILE B 188 5.90 -38.10 12.39
N HIS B 189 4.76 -38.43 11.79
CA HIS B 189 3.79 -37.45 11.35
C HIS B 189 2.65 -37.39 12.35
N ASP B 190 2.50 -36.26 13.02
CA ASP B 190 1.49 -36.07 14.05
C ASP B 190 0.41 -35.13 13.53
N ARG B 191 -0.82 -35.60 13.50
CA ARG B 191 -1.90 -34.87 12.84
C ARG B 191 -2.60 -33.88 13.76
N GLU B 192 -2.51 -34.06 15.07
CA GLU B 192 -3.05 -33.06 15.99
C GLU B 192 -2.19 -31.80 15.98
N GLU B 193 -0.87 -31.96 15.95
CA GLU B 193 0.06 -30.83 15.94
C GLU B 193 0.43 -30.37 14.54
N GLN B 194 0.11 -31.15 13.51
CA GLN B 194 0.45 -30.85 12.13
C GLN B 194 1.95 -30.65 11.94
N VAL B 195 2.72 -31.59 12.50
CA VAL B 195 4.17 -31.52 12.46
C VAL B 195 4.73 -32.89 12.07
N ALA B 196 5.94 -32.89 11.53
CA ALA B 196 6.63 -34.11 11.13
C ALA B 196 8.01 -34.11 11.79
N GLU B 197 8.13 -34.83 12.90
CA GLU B 197 9.36 -34.88 13.67
C GLU B 197 10.30 -35.92 13.09
N ILE B 198 11.57 -35.54 12.90
CA ILE B 198 12.56 -36.39 12.28
C ILE B 198 13.74 -36.53 13.23
N TRP B 199 14.26 -37.74 13.37
CA TRP B 199 15.41 -38.02 14.21
C TRP B 199 16.60 -38.44 13.35
N ASN B 200 17.78 -37.93 13.69
CA ASN B 200 19.00 -38.15 12.91
C ASN B 200 18.80 -37.71 11.46
N ALA B 201 18.21 -36.52 11.29
CA ALA B 201 17.80 -36.07 9.98
C ALA B 201 19.00 -35.76 9.09
N ARG B 202 18.84 -36.05 7.80
CA ARG B 202 19.81 -35.67 6.78
C ARG B 202 19.05 -35.12 5.59
N PHE B 203 19.18 -33.82 5.35
CA PHE B 203 18.51 -33.18 4.23
C PHE B 203 19.33 -33.43 2.97
N LYS B 204 18.68 -33.96 1.94
CA LYS B 204 19.36 -34.35 0.71
C LYS B 204 18.81 -33.55 -0.46
N VAL B 205 19.70 -33.08 -1.32
CA VAL B 205 19.34 -32.49 -2.60
C VAL B 205 19.78 -33.46 -3.68
N GLY B 206 18.83 -33.95 -4.46
CA GLY B 206 19.11 -35.01 -5.41
C GLY B 206 19.59 -36.25 -4.68
N PRO B 207 20.71 -36.80 -5.12
CA PRO B 207 21.34 -37.92 -4.40
C PRO B 207 22.41 -37.53 -3.40
N VAL B 208 22.66 -36.24 -3.20
CA VAL B 208 23.79 -35.76 -2.42
C VAL B 208 23.26 -35.08 -1.16
N PRO B 209 23.61 -35.57 0.04
CA PRO B 209 23.22 -34.85 1.25
C PRO B 209 23.91 -33.51 1.34
N ILE B 210 23.26 -32.55 2.02
CA ILE B 210 23.83 -31.23 2.16
C ILE B 210 24.10 -30.90 3.63
N PHE B 211 23.30 -31.44 4.54
CA PHE B 211 23.61 -31.24 5.95
C PHE B 211 22.90 -32.28 6.80
N TYR B 212 23.39 -32.43 8.03
CA TYR B 212 22.87 -33.37 9.00
C TYR B 212 22.63 -32.64 10.31
N SER B 213 21.54 -32.98 10.98
CA SER B 213 21.22 -32.41 12.28
C SER B 213 20.11 -33.23 12.91
N PRO B 214 20.14 -33.47 14.22
CA PRO B 214 19.00 -34.12 14.87
C PRO B 214 17.79 -33.19 14.88
N TYR B 215 16.61 -33.80 14.90
CA TYR B 215 15.35 -33.11 15.15
C TYR B 215 15.11 -31.98 14.15
N LEU B 216 14.73 -32.37 12.94
CA LEU B 216 14.51 -31.42 11.85
C LEU B 216 13.04 -31.31 11.50
N GLN B 217 12.19 -31.02 12.49
CA GLN B 217 10.75 -30.79 12.28
C GLN B 217 10.44 -30.13 10.96
N LEU B 218 9.39 -30.59 10.30
CA LEU B 218 8.88 -29.96 9.09
C LEU B 218 7.44 -29.51 9.29
N PRO B 219 7.14 -28.23 9.31
CA PRO B 219 5.75 -27.80 9.48
C PRO B 219 4.87 -28.18 8.31
N VAL B 220 3.93 -29.09 8.54
CA VAL B 220 2.96 -29.53 7.55
C VAL B 220 1.66 -28.78 7.79
N GLY B 221 1.07 -28.26 6.73
CA GLY B 221 -0.16 -27.52 6.87
C GLY B 221 0.06 -26.03 7.01
N ASP B 222 -1.03 -25.34 7.35
CA ASP B 222 -1.05 -23.89 7.44
C ASP B 222 -1.13 -23.36 8.88
N LYS B 223 -1.19 -24.23 9.88
CA LYS B 223 -1.18 -23.77 11.25
C LYS B 223 0.16 -23.16 11.61
N ARG B 224 0.14 -22.06 12.35
CA ARG B 224 1.38 -21.37 12.71
C ARG B 224 2.12 -22.11 13.83
N ARG B 225 3.44 -22.05 13.77
CA ARG B 225 4.30 -22.65 14.78
C ARG B 225 5.48 -21.73 15.03
N SER B 226 6.13 -21.93 16.15
CA SER B 226 7.30 -21.14 16.52
C SER B 226 8.56 -21.94 16.27
N GLY B 227 9.50 -21.35 15.54
CA GLY B 227 10.75 -22.01 15.24
C GLY B 227 11.54 -21.22 14.22
N PHE B 228 12.66 -21.80 13.82
CA PHE B 228 13.54 -21.13 12.86
C PHE B 228 12.93 -21.11 11.47
N LEU B 229 13.05 -19.98 10.80
CA LEU B 229 12.66 -19.85 9.41
C LEU B 229 13.89 -20.05 8.53
N ILE B 230 13.65 -20.31 7.24
CA ILE B 230 14.76 -20.58 6.33
C ILE B 230 15.55 -19.30 6.09
N PRO B 231 16.87 -19.31 6.21
CA PRO B 231 17.64 -18.08 6.08
C PRO B 231 17.74 -17.61 4.63
N ASN B 232 18.25 -16.39 4.47
CA ASN B 232 18.49 -15.82 3.15
C ASN B 232 19.79 -15.02 3.20
N ALA B 233 20.32 -14.72 2.02
CA ALA B 233 21.62 -14.09 1.89
C ALA B 233 21.55 -12.95 0.89
N LYS B 234 22.54 -12.06 0.96
CA LYS B 234 22.68 -10.96 0.04
C LYS B 234 24.15 -10.69 -0.22
N TYR B 235 24.41 -9.90 -1.25
CA TYR B 235 25.71 -9.25 -1.43
C TYR B 235 25.43 -7.83 -1.90
N THR B 236 25.84 -6.85 -1.11
CA THR B 236 25.74 -5.45 -1.48
C THR B 236 27.12 -4.81 -1.45
N THR B 237 27.26 -3.69 -2.13
CA THR B 237 28.55 -3.00 -2.09
C THR B 237 28.76 -2.21 -0.80
N THR B 238 27.70 -2.01 -0.01
CA THR B 238 27.85 -1.31 1.26
C THR B 238 28.19 -2.24 2.42
N ASN B 239 27.63 -3.45 2.43
CA ASN B 239 27.81 -4.37 3.53
C ASN B 239 28.53 -5.66 3.15
N TYR B 240 28.79 -5.90 1.88
CA TYR B 240 29.42 -7.12 1.35
C TYR B 240 28.45 -8.27 1.60
N PHE B 241 28.90 -9.42 2.10
CA PHE B 241 28.05 -10.60 2.24
C PHE B 241 27.22 -10.50 3.51
N GLU B 242 25.94 -10.80 3.40
CA GLU B 242 24.99 -10.66 4.49
C GLU B 242 24.17 -11.93 4.65
N PHE B 243 23.80 -12.24 5.89
CA PHE B 243 23.10 -13.48 6.21
C PHE B 243 22.11 -13.22 7.33
N TYR B 244 20.84 -13.57 7.10
CA TYR B 244 19.77 -13.41 8.08
C TYR B 244 19.32 -14.79 8.53
N LEU B 245 19.18 -14.98 9.84
CA LEU B 245 18.71 -16.25 10.41
C LEU B 245 17.52 -15.99 11.31
N PRO B 246 16.31 -15.99 10.77
CA PRO B 246 15.14 -15.60 11.56
C PRO B 246 14.64 -16.71 12.48
N TYR B 247 14.20 -16.29 13.67
CA TYR B 247 13.47 -17.14 14.58
C TYR B 247 12.09 -16.53 14.77
N TYR B 248 11.05 -17.34 14.61
CA TYR B 248 9.67 -16.89 14.74
C TYR B 248 9.09 -17.39 16.05
N TRP B 249 8.48 -16.49 16.82
CA TRP B 249 7.87 -16.83 18.10
C TRP B 249 6.37 -16.59 17.99
N ASN B 250 5.59 -17.62 18.29
CA ASN B 250 4.14 -17.63 18.10
C ASN B 250 3.48 -17.42 19.46
N ILE B 251 3.38 -16.14 19.85
CA ILE B 251 2.98 -15.80 21.21
C ILE B 251 1.53 -16.21 21.46
N ALA B 252 0.63 -15.85 20.55
CA ALA B 252 -0.80 -16.00 20.76
C ALA B 252 -1.50 -15.86 19.42
N PRO B 253 -2.80 -16.16 19.33
CA PRO B 253 -3.49 -15.97 18.04
C PRO B 253 -3.41 -14.55 17.50
N ASN B 254 -3.39 -13.55 18.37
CA ASN B 254 -3.43 -12.16 17.93
C ASN B 254 -2.11 -11.42 18.13
N MET B 255 -1.01 -12.12 18.39
CA MET B 255 0.28 -11.47 18.47
C MET B 255 1.39 -12.47 18.20
N ASP B 256 2.50 -11.98 17.65
CA ASP B 256 3.67 -12.81 17.40
C ASP B 256 4.91 -11.92 17.30
N ALA B 257 6.08 -12.54 17.42
CA ALA B 257 7.35 -11.83 17.41
C ALA B 257 8.33 -12.58 16.53
N THR B 258 9.35 -11.87 16.06
CA THR B 258 10.37 -12.45 15.19
C THR B 258 11.71 -11.81 15.51
N ILE B 259 12.72 -12.64 15.72
CA ILE B 259 14.07 -12.19 16.05
C ILE B 259 15.00 -12.64 14.94
N THR B 260 15.72 -11.70 14.34
CA THR B 260 16.60 -12.00 13.21
C THR B 260 18.00 -11.45 13.47
N PRO B 261 18.99 -12.29 13.74
CA PRO B 261 20.39 -11.83 13.70
C PRO B 261 20.85 -11.63 12.26
N HIS B 262 21.06 -10.37 11.89
CA HIS B 262 21.52 -10.00 10.55
C HIS B 262 23.01 -9.71 10.62
N TYR B 263 23.82 -10.57 10.01
CA TYR B 263 25.27 -10.43 10.03
C TYR B 263 25.75 -9.79 8.74
N MET B 264 26.49 -8.70 8.86
CA MET B 264 27.06 -7.99 7.72
C MET B 264 28.57 -8.11 7.79
N HIS B 265 29.17 -8.60 6.70
CA HIS B 265 30.60 -8.90 6.73
C HIS B 265 31.44 -7.64 6.91
N ARG B 266 31.06 -6.54 6.25
CA ARG B 266 31.91 -5.35 6.25
C ARG B 266 31.87 -4.63 7.59
N ARG B 267 30.70 -4.58 8.24
CA ARG B 267 30.57 -3.90 9.52
C ARG B 267 31.18 -4.67 10.69
N GLY B 268 31.41 -5.97 10.52
CA GLY B 268 32.09 -6.77 11.54
C GLY B 268 31.33 -6.93 12.84
N ASN B 269 30.01 -7.08 12.78
CA ASN B 269 29.20 -7.35 13.96
C ASN B 269 27.83 -7.81 13.47
N ILE B 270 27.00 -8.25 14.41
CA ILE B 270 25.66 -8.74 14.12
C ILE B 270 24.66 -7.66 14.53
N MET B 271 23.73 -7.36 13.64
CA MET B 271 22.62 -6.47 13.93
C MET B 271 21.43 -7.31 14.37
N TRP B 272 20.78 -6.91 15.45
CA TRP B 272 19.65 -7.65 15.99
C TRP B 272 18.36 -6.96 15.57
N GLU B 273 17.52 -7.67 14.82
CA GLU B 273 16.26 -7.15 14.32
C GLU B 273 15.11 -7.82 15.06
N ASN B 274 14.26 -7.01 15.67
CA ASN B 274 13.17 -7.52 16.50
C ASN B 274 11.84 -6.93 16.02
N GLU B 275 10.89 -7.80 15.69
CA GLU B 275 9.59 -7.40 15.19
C GLU B 275 8.52 -7.91 16.14
N PHE B 276 7.45 -7.14 16.29
CA PHE B 276 6.35 -7.51 17.16
C PHE B 276 5.06 -7.04 16.51
N ARG B 277 4.20 -7.98 16.14
CA ARG B 277 2.92 -7.68 15.53
C ARG B 277 1.81 -8.02 16.52
N TYR B 278 0.78 -7.17 16.57
CA TYR B 278 -0.34 -7.40 17.47
C TYR B 278 -1.64 -7.05 16.76
N LEU B 279 -2.72 -7.58 17.31
CA LEU B 279 -4.07 -7.34 16.84
C LEU B 279 -4.96 -7.15 18.05
N SER B 280 -5.60 -5.98 18.16
CA SER B 280 -6.38 -5.68 19.34
C SER B 280 -7.75 -5.12 18.97
N GLN B 281 -8.50 -4.69 19.98
CA GLN B 281 -9.75 -4.01 19.73
C GLN B 281 -9.53 -2.61 19.18
N ALA B 282 -8.42 -1.98 19.56
CA ALA B 282 -8.09 -0.63 19.13
C ALA B 282 -7.40 -0.58 17.77
N GLY B 283 -7.14 -1.72 17.14
CA GLY B 283 -6.55 -1.78 15.84
C GLY B 283 -5.39 -2.74 15.80
N ALA B 284 -4.68 -2.74 14.67
CA ALA B 284 -3.53 -3.61 14.45
C ALA B 284 -2.28 -2.78 14.32
N GLY B 285 -1.16 -3.30 14.82
CA GLY B 285 0.07 -2.55 14.88
C GLY B 285 1.27 -3.40 14.51
N LEU B 286 2.45 -2.77 14.58
CA LEU B 286 3.71 -3.42 14.28
C LEU B 286 4.84 -2.57 14.84
N MET B 287 5.70 -3.17 15.64
CA MET B 287 6.90 -2.52 16.15
C MET B 287 8.13 -3.19 15.58
N GLU B 288 9.18 -2.39 15.36
CA GLU B 288 10.46 -2.90 14.90
C GLU B 288 11.57 -2.18 15.65
N LEU B 289 12.54 -2.93 16.14
CA LEU B 289 13.65 -2.37 16.89
C LEU B 289 14.92 -3.09 16.48
N ASP B 290 15.76 -2.41 15.69
CA ASP B 290 17.03 -2.94 15.23
C ASP B 290 18.16 -2.32 16.03
N TYR B 291 19.18 -3.11 16.34
CA TYR B 291 20.30 -2.61 17.13
C TYR B 291 21.61 -3.24 16.66
N LEU B 292 22.52 -2.42 16.17
CA LEU B 292 23.87 -2.83 15.82
C LEU B 292 24.84 -2.29 16.86
N PRO B 293 25.41 -3.13 17.72
CA PRO B 293 26.21 -2.61 18.84
C PRO B 293 27.43 -1.81 18.41
N SER B 294 28.05 -2.12 17.28
CA SER B 294 29.23 -1.39 16.84
C SER B 294 29.37 -1.55 15.33
N ASP B 295 29.93 -0.53 14.69
CA ASP B 295 30.09 -0.48 13.25
C ASP B 295 31.53 -0.14 12.91
N LYS B 296 32.15 -0.95 12.06
CA LYS B 296 33.53 -0.73 11.69
C LYS B 296 33.67 0.32 10.59
N VAL B 297 32.76 0.31 9.62
CA VAL B 297 32.78 1.32 8.56
C VAL B 297 32.50 2.69 9.15
N TYR B 298 31.53 2.78 10.05
CA TYR B 298 31.13 4.06 10.63
C TYR B 298 32.24 4.67 11.46
N GLU B 299 33.04 3.84 12.13
CA GLU B 299 34.13 4.37 12.97
C GLU B 299 35.16 5.10 12.13
N ASP B 300 35.51 4.56 10.96
CA ASP B 300 36.51 5.22 10.12
C ASP B 300 36.01 6.59 9.65
N GLU B 301 34.75 6.66 9.25
CA GLU B 301 34.20 7.93 8.76
C GLU B 301 33.98 8.92 9.90
N HIS B 302 33.71 8.43 11.10
CA HIS B 302 33.43 9.27 12.27
C HIS B 302 34.30 8.81 13.43
N PRO B 303 35.60 9.05 13.36
CA PRO B 303 36.49 8.58 14.44
C PRO B 303 36.31 9.34 15.74
N ASN B 304 35.83 10.58 15.69
CA ASN B 304 35.68 11.38 16.91
C ASN B 304 34.58 10.86 17.81
N ASP B 305 33.52 10.28 17.22
CA ASP B 305 32.42 9.76 18.02
C ASP B 305 32.91 8.60 18.89
N ASP B 306 32.53 8.62 20.16
CA ASP B 306 32.98 7.56 21.08
C ASP B 306 32.29 6.24 20.80
N SER B 307 31.01 6.27 20.45
CA SER B 307 30.24 5.05 20.22
C SER B 307 29.70 5.05 18.79
N SER B 308 29.78 3.88 18.14
CA SER B 308 29.35 3.72 16.76
C SER B 308 28.11 2.85 16.63
N ARG B 309 27.26 2.85 17.64
CA ARG B 309 26.02 2.08 17.57
C ARG B 309 25.08 2.66 16.53
N ARG B 310 24.34 1.77 15.87
CA ARG B 310 23.30 2.14 14.91
C ARG B 310 22.02 1.47 15.35
N TRP B 311 20.90 2.19 15.28
CA TRP B 311 19.64 1.63 15.73
C TRP B 311 18.48 2.30 15.01
N LEU B 312 17.34 1.63 15.06
CA LEU B 312 16.10 2.11 14.44
C LEU B 312 14.94 1.65 15.29
N PHE B 313 14.01 2.55 15.58
CA PHE B 313 12.75 2.22 16.21
C PHE B 313 11.62 2.60 15.28
N TYR B 314 10.67 1.70 15.10
CA TYR B 314 9.54 1.90 14.21
C TYR B 314 8.28 1.39 14.90
N TRP B 315 7.20 2.14 14.78
CA TRP B 315 5.91 1.74 15.34
C TRP B 315 4.82 2.30 14.44
N ASN B 316 3.90 1.43 14.01
CA ASN B 316 2.80 1.81 13.15
C ASN B 316 1.52 1.20 13.69
N HIS B 317 0.52 2.02 13.97
CA HIS B 317 -0.76 1.58 14.49
C HIS B 317 -1.88 2.25 13.71
N SER B 318 -2.99 1.53 13.55
CA SER B 318 -4.14 2.07 12.86
C SER B 318 -5.37 1.24 13.20
N GLY B 319 -6.42 1.89 13.68
CA GLY B 319 -7.63 1.16 14.00
C GLY B 319 -8.73 2.09 14.43
N VAL B 320 -9.96 1.58 14.38
CA VAL B 320 -11.15 2.28 14.83
C VAL B 320 -11.87 1.38 15.83
N MET B 321 -12.11 1.91 17.03
CA MET B 321 -12.71 1.15 18.11
C MET B 321 -14.11 1.69 18.39
N ASP B 322 -15.09 0.78 18.42
CA ASP B 322 -16.49 1.10 18.69
C ASP B 322 -17.09 2.07 17.67
N GLN B 323 -16.46 2.18 16.51
CA GLN B 323 -16.83 3.02 15.38
C GLN B 323 -16.65 4.51 15.63
N VAL B 324 -16.24 4.93 16.82
CA VAL B 324 -16.12 6.35 17.13
C VAL B 324 -14.72 6.77 17.50
N TRP B 325 -13.84 5.86 17.93
CA TRP B 325 -12.49 6.21 18.34
C TRP B 325 -11.51 5.77 17.26
N ARG B 326 -10.70 6.69 16.76
CA ARG B 326 -9.70 6.39 15.75
C ARG B 326 -8.32 6.63 16.34
N PHE B 327 -7.47 5.61 16.29
CA PHE B 327 -6.12 5.66 16.86
C PHE B 327 -5.11 5.42 15.76
N ASN B 328 -4.11 6.29 15.65
CA ASN B 328 -3.09 6.20 14.62
C ASN B 328 -1.73 6.50 15.23
N VAL B 329 -0.72 5.73 14.83
CA VAL B 329 0.67 6.00 15.14
C VAL B 329 1.49 5.78 13.87
N ASP B 330 2.41 6.70 13.60
CA ASP B 330 3.35 6.57 12.48
C ASP B 330 4.68 7.16 12.97
N TYR B 331 5.51 6.32 13.56
CA TYR B 331 6.69 6.77 14.31
C TYR B 331 7.94 6.11 13.75
N THR B 332 8.95 6.91 13.45
CA THR B 332 10.25 6.42 13.00
C THR B 332 11.34 7.23 13.67
N LYS B 333 12.35 6.54 14.20
CA LYS B 333 13.50 7.23 14.77
C LYS B 333 14.75 6.40 14.48
N VAL B 334 15.81 7.06 14.01
CA VAL B 334 17.07 6.42 13.67
C VAL B 334 18.18 7.14 14.39
N SER B 335 19.33 6.47 14.50
CA SER B 335 20.44 7.03 15.27
C SER B 335 21.13 8.15 14.52
N ASP B 336 21.25 8.04 13.21
CA ASP B 336 22.03 8.96 12.40
C ASP B 336 21.31 9.20 11.08
N PRO B 337 21.67 10.27 10.37
CA PRO B 337 21.03 10.54 9.07
C PRO B 337 21.25 9.45 8.03
N SER B 338 22.39 8.77 8.01
CA SER B 338 22.75 7.85 6.94
C SER B 338 22.32 6.42 7.21
N TYR B 339 21.30 6.21 8.04
CA TYR B 339 20.94 4.85 8.40
C TYR B 339 20.38 4.08 7.21
N PHE B 340 19.50 4.71 6.42
CA PHE B 340 18.85 4.02 5.33
C PHE B 340 19.71 3.97 4.06
N ASN B 341 20.75 4.78 3.99
CA ASN B 341 21.70 4.66 2.90
C ASN B 341 22.62 3.47 3.07
N ASP B 342 22.72 2.94 4.30
CA ASP B 342 23.55 1.78 4.60
C ASP B 342 22.75 0.49 4.75
N PHE B 343 21.62 0.54 5.46
CA PHE B 343 20.87 -0.63 5.82
C PHE B 343 19.52 -0.62 5.11
N ASP B 344 19.17 -1.77 4.53
CA ASP B 344 17.96 -1.90 3.74
C ASP B 344 16.84 -2.42 4.63
N ASN B 345 15.76 -1.63 4.76
CA ASN B 345 14.62 -1.98 5.59
C ASN B 345 13.36 -1.97 4.73
N LYS B 346 12.32 -2.59 5.27
CA LYS B 346 10.98 -2.45 4.73
C LYS B 346 10.29 -1.19 5.22
N TYR B 347 10.84 -0.54 6.25
CA TYR B 347 10.20 0.57 6.93
C TYR B 347 10.90 1.89 6.67
N GLY B 348 11.78 1.93 5.69
CA GLY B 348 12.43 3.17 5.31
C GLY B 348 13.17 2.96 4.01
N SER B 349 13.47 4.07 3.36
CA SER B 349 14.10 4.03 2.05
C SER B 349 15.25 5.04 2.01
N SER B 350 16.23 4.76 1.17
CA SER B 350 17.33 5.68 0.99
C SER B 350 16.89 6.97 0.30
N THR B 351 15.68 6.99 -0.24
CA THR B 351 15.11 8.16 -0.90
C THR B 351 14.49 9.14 0.09
N ASP B 352 14.45 8.80 1.37
CA ASP B 352 13.84 9.65 2.38
C ASP B 352 14.66 10.91 2.61
N GLY B 353 13.98 11.94 3.11
CA GLY B 353 14.63 13.17 3.50
C GLY B 353 14.57 13.43 4.98
N TYR B 354 13.64 12.76 5.67
CA TYR B 354 13.43 12.93 7.10
C TYR B 354 12.67 11.72 7.62
N ALA B 355 12.51 11.68 8.94
CA ALA B 355 11.75 10.64 9.63
C ALA B 355 10.54 11.27 10.31
N THR B 356 9.38 10.67 10.11
CA THR B 356 8.11 11.20 10.61
C THR B 356 7.74 10.51 11.92
N GLN B 357 7.29 11.30 12.90
CA GLN B 357 6.95 10.81 14.24
C GLN B 357 5.62 11.42 14.66
N LYS B 358 4.52 10.73 14.37
CA LYS B 358 3.18 11.27 14.56
C LYS B 358 2.34 10.34 15.42
N PHE B 359 1.60 10.93 16.35
CA PHE B 359 0.57 10.25 17.13
C PHE B 359 -0.74 11.00 16.94
N SER B 360 -1.86 10.27 17.00
CA SER B 360 -3.15 10.89 16.76
C SER B 360 -4.24 10.11 17.49
N VAL B 361 -5.10 10.83 18.20
CA VAL B 361 -6.29 10.27 18.82
C VAL B 361 -7.48 11.13 18.39
N GLY B 362 -8.52 10.49 17.86
CA GLY B 362 -9.67 11.21 17.35
C GLY B 362 -10.97 10.57 17.77
N TYR B 363 -12.02 11.39 17.74
CA TYR B 363 -13.39 10.95 18.00
C TYR B 363 -14.27 11.48 16.87
N ALA B 364 -14.99 10.59 16.21
CA ALA B 364 -15.78 10.97 15.05
C ALA B 364 -17.19 10.41 15.17
N VAL B 365 -18.18 11.27 14.93
CA VAL B 365 -19.58 10.86 14.82
C VAL B 365 -20.14 11.42 13.52
N GLN B 366 -21.45 11.31 13.34
CA GLN B 366 -22.06 11.66 12.06
C GLN B 366 -21.82 13.12 11.70
N ASN B 367 -21.94 14.03 12.67
CA ASN B 367 -21.90 15.46 12.38
C ASN B 367 -20.93 16.21 13.29
N PHE B 368 -19.82 15.58 13.67
CA PHE B 368 -18.86 16.20 14.58
C PHE B 368 -17.64 15.30 14.67
N ASN B 369 -16.44 15.91 14.71
CA ASN B 369 -15.24 15.14 15.00
C ASN B 369 -14.19 16.05 15.59
N ALA B 370 -13.41 15.50 16.52
CA ALA B 370 -12.30 16.19 17.18
C ALA B 370 -11.07 15.31 17.16
N THR B 371 -9.89 15.92 17.13
CA THR B 371 -8.64 15.19 17.01
C THR B 371 -7.55 15.91 17.78
N VAL B 372 -6.74 15.15 18.51
CA VAL B 372 -5.53 15.65 19.15
C VAL B 372 -4.35 14.88 18.58
N SER B 373 -3.33 15.59 18.11
CA SER B 373 -2.21 14.93 17.47
C SER B 373 -0.94 15.73 17.72
N THR B 374 0.19 15.04 17.59
CA THR B 374 1.51 15.66 17.61
C THR B 374 2.24 15.26 16.34
N LYS B 375 3.02 16.19 15.79
CA LYS B 375 3.75 15.96 14.55
C LYS B 375 5.18 16.42 14.71
N GLN B 376 6.13 15.49 14.65
CA GLN B 376 7.54 15.79 14.77
C GLN B 376 8.31 15.11 13.65
N PHE B 377 9.39 15.73 13.22
CA PHE B 377 10.16 15.27 12.09
C PHE B 377 11.65 15.33 12.43
N GLN B 378 12.41 14.41 11.86
CA GLN B 378 13.85 14.32 12.09
C GLN B 378 14.55 14.45 10.73
N VAL B 379 15.03 15.64 10.41
CA VAL B 379 15.59 15.90 9.10
C VAL B 379 17.03 15.41 9.05
N PHE B 380 17.39 14.76 7.94
CA PHE B 380 18.65 14.06 7.81
C PHE B 380 19.78 14.96 7.31
N SER B 381 19.51 15.82 6.34
CA SER B 381 20.56 16.60 5.72
C SER B 381 21.24 17.51 6.73
N GLU B 382 22.55 17.71 6.56
CA GLU B 382 23.31 18.59 7.43
C GLU B 382 23.13 20.06 7.08
N GLN B 383 22.51 20.37 5.94
CA GLN B 383 22.18 21.75 5.61
C GLN B 383 20.94 22.24 6.30
N ASN B 384 20.21 21.37 6.99
CA ASN B 384 19.00 21.74 7.72
C ASN B 384 19.17 21.38 9.19
N THR B 385 19.00 22.37 10.07
CA THR B 385 19.05 22.14 11.50
C THR B 385 17.81 22.62 12.25
N SER B 386 16.92 23.39 11.60
CA SER B 386 15.71 23.87 12.24
C SER B 386 14.51 23.15 11.65
N SER B 387 13.61 22.69 12.50
CA SER B 387 12.44 21.93 12.08
C SER B 387 11.32 22.19 13.08
N TYR B 388 10.19 22.66 12.61
CA TYR B 388 9.06 22.97 13.48
C TYR B 388 8.21 21.72 13.72
N SER B 389 7.48 21.74 14.82
CA SER B 389 6.64 20.64 15.22
C SER B 389 5.34 21.19 15.81
N ALA B 390 4.28 20.41 15.67
CA ALA B 390 2.99 20.71 16.31
C ALA B 390 2.88 19.86 17.56
N GLU B 391 2.95 20.50 18.73
CA GLU B 391 2.95 19.79 20.01
C GLU B 391 2.10 20.52 21.04
N PRO B 392 0.80 20.28 21.06
CA PRO B 392 0.00 19.43 20.18
C PRO B 392 -0.87 20.24 19.22
N GLN B 393 -1.72 19.56 18.45
CA GLN B 393 -2.66 20.19 17.54
C GLN B 393 -4.05 19.65 17.81
N LEU B 394 -5.05 20.52 17.78
CA LEU B 394 -6.43 20.14 18.03
C LEU B 394 -7.28 20.65 16.87
N ASP B 395 -7.96 19.75 16.16
CA ASP B 395 -8.85 20.09 15.08
C ASP B 395 -10.27 19.67 15.45
N VAL B 396 -11.22 20.59 15.31
CA VAL B 396 -12.62 20.32 15.60
C VAL B 396 -13.48 20.76 14.43
N ASN B 397 -14.37 19.88 13.97
CA ASN B 397 -15.33 20.16 12.92
C ASN B 397 -16.73 19.89 13.40
N TYR B 398 -17.68 20.74 13.02
CA TYR B 398 -19.08 20.51 13.30
C TYR B 398 -19.90 20.87 12.08
N TYR B 399 -20.82 20.00 11.70
CA TYR B 399 -21.61 20.15 10.49
C TYR B 399 -23.10 20.14 10.83
N GLN B 400 -23.84 21.06 10.22
CA GLN B 400 -25.28 21.11 10.39
C GLN B 400 -25.92 21.54 9.08
N ASN B 401 -26.81 20.72 8.55
CA ASN B 401 -27.44 20.95 7.26
C ASN B 401 -28.88 21.39 7.45
N ASP B 402 -29.48 21.81 6.34
CA ASP B 402 -30.91 22.13 6.28
C ASP B 402 -31.30 23.24 7.26
N VAL B 403 -30.45 24.25 7.39
CA VAL B 403 -30.81 25.45 8.14
C VAL B 403 -31.48 26.38 7.14
N GLY B 404 -32.78 26.16 6.94
CA GLY B 404 -33.47 26.73 5.82
C GLY B 404 -33.04 26.05 4.55
N PRO B 405 -32.68 26.82 3.53
CA PRO B 405 -32.04 26.25 2.34
C PRO B 405 -30.52 26.18 2.39
N PHE B 406 -29.90 26.50 3.52
CA PHE B 406 -28.45 26.61 3.65
C PHE B 406 -27.87 25.39 4.35
N ASP B 407 -26.55 25.23 4.20
CA ASP B 407 -25.76 24.27 4.95
C ASP B 407 -24.69 25.03 5.72
N THR B 408 -24.55 24.74 7.01
CA THR B 408 -23.60 25.43 7.85
C THR B 408 -22.50 24.47 8.30
N ARG B 409 -21.40 25.05 8.78
CA ARG B 409 -20.20 24.29 9.10
C ARG B 409 -19.27 25.17 9.92
N ILE B 410 -18.57 24.57 10.87
CA ILE B 410 -17.58 25.26 11.68
C ILE B 410 -16.31 24.42 11.73
N TYR B 411 -15.16 25.09 11.66
CA TYR B 411 -13.86 24.45 11.82
C TYR B 411 -13.01 25.29 12.75
N GLY B 412 -12.49 24.66 13.80
CA GLY B 412 -11.63 25.35 14.74
C GLY B 412 -10.35 24.56 14.94
N GLN B 413 -9.32 25.26 15.39
CA GLN B 413 -8.02 24.65 15.59
C GLN B 413 -7.26 25.39 16.68
N ALA B 414 -6.36 24.67 17.34
CA ALA B 414 -5.43 25.24 18.31
C ALA B 414 -4.14 24.45 18.25
N VAL B 415 -3.02 25.12 17.98
CA VAL B 415 -1.75 24.45 17.76
C VAL B 415 -0.65 25.20 18.49
N HIS B 416 0.41 24.47 18.86
CA HIS B 416 1.60 25.03 19.50
C HIS B 416 2.81 24.59 18.70
N PHE B 417 3.62 25.55 18.26
CA PHE B 417 4.76 25.31 17.39
C PHE B 417 6.07 25.45 18.15
N VAL B 418 6.91 24.43 18.07
CA VAL B 418 8.21 24.42 18.73
C VAL B 418 9.27 24.02 17.71
N ASN B 419 10.46 24.59 17.83
CA ASN B 419 11.56 24.34 16.92
C ASN B 419 12.69 23.61 17.64
N THR B 420 13.46 22.83 16.88
CA THR B 420 14.61 22.15 17.45
C THR B 420 15.67 23.15 17.91
N ARG B 421 15.89 24.21 17.14
CA ARG B 421 16.80 25.26 17.54
C ARG B 421 16.23 26.07 18.70
N ASP B 422 17.12 26.67 19.48
CA ASP B 422 16.73 27.48 20.62
C ASP B 422 16.75 28.97 20.32
N ASP B 423 16.95 29.35 19.06
CA ASP B 423 16.97 30.75 18.63
C ASP B 423 15.74 31.13 17.84
N MET B 424 14.93 30.20 17.45
CA MET B 424 13.83 30.43 16.52
C MET B 424 12.58 30.87 17.26
N PRO B 425 11.65 31.54 16.57
CA PRO B 425 10.40 31.94 17.21
C PRO B 425 9.55 30.75 17.58
N GLU B 426 8.72 30.95 18.60
CA GLU B 426 7.80 29.95 19.11
C GLU B 426 6.41 30.55 19.15
N ALA B 427 5.38 29.76 18.84
CA ALA B 427 4.07 30.35 18.64
C ALA B 427 2.96 29.46 19.15
N THR B 428 1.81 30.11 19.41
CA THR B 428 0.53 29.47 19.67
C THR B 428 -0.50 30.14 18.77
N ARG B 429 -1.35 29.34 18.13
CA ARG B 429 -2.31 29.86 17.17
C ARG B 429 -3.68 29.24 17.38
N VAL B 430 -4.72 30.06 17.31
CA VAL B 430 -6.11 29.63 17.43
C VAL B 430 -6.86 30.13 16.19
N HIS B 431 -7.61 29.25 15.56
CA HIS B 431 -8.31 29.54 14.30
C HIS B 431 -9.78 29.18 14.44
N LEU B 432 -10.64 30.02 13.88
CA LEU B 432 -12.07 29.75 13.78
C LEU B 432 -12.52 30.06 12.37
N GLU B 433 -13.46 29.27 11.86
CA GLU B 433 -13.83 29.36 10.44
C GLU B 433 -15.27 28.89 10.25
N PRO B 434 -16.24 29.76 10.48
CA PRO B 434 -17.62 29.43 10.12
C PRO B 434 -17.88 29.59 8.63
N THR B 435 -18.74 28.72 8.10
CA THR B 435 -19.04 28.65 6.68
C THR B 435 -20.53 28.43 6.49
N ILE B 436 -21.09 29.01 5.43
CA ILE B 436 -22.48 28.78 5.06
C ILE B 436 -22.58 28.83 3.55
N ASN B 437 -23.32 27.89 2.96
CA ASN B 437 -23.47 27.81 1.52
C ASN B 437 -24.91 27.50 1.15
N LEU B 438 -25.26 27.85 -0.08
CA LEU B 438 -26.61 27.67 -0.62
C LEU B 438 -26.51 26.86 -1.91
N PRO B 439 -26.70 25.55 -1.85
CA PRO B 439 -26.61 24.73 -3.06
C PRO B 439 -27.90 24.71 -3.85
N LEU B 440 -27.78 24.85 -5.17
CA LEU B 440 -28.90 24.76 -6.08
C LEU B 440 -28.52 23.85 -7.24
N SER B 441 -29.49 23.07 -7.72
CA SER B 441 -29.17 22.06 -8.72
C SER B 441 -30.42 21.66 -9.48
N ASN B 442 -30.21 21.08 -10.66
CA ASN B 442 -31.23 20.39 -11.43
C ASN B 442 -30.54 19.30 -12.25
N ASN B 443 -31.20 18.82 -13.30
CA ASN B 443 -30.66 17.72 -14.09
C ASN B 443 -29.38 18.12 -14.82
N TRP B 444 -29.32 19.32 -15.38
CA TRP B 444 -28.29 19.71 -16.31
C TRP B 444 -27.32 20.76 -15.77
N GLY B 445 -27.45 21.15 -14.51
CA GLY B 445 -26.59 22.20 -14.00
C GLY B 445 -26.73 22.34 -12.50
N SER B 446 -25.75 23.01 -11.90
CA SER B 446 -25.73 23.26 -10.47
C SER B 446 -24.93 24.50 -10.20
N ILE B 447 -25.37 25.29 -9.23
CA ILE B 447 -24.67 26.51 -8.82
C ILE B 447 -24.58 26.52 -7.30
N ASN B 448 -23.40 26.81 -6.77
CA ASN B 448 -23.15 26.74 -5.33
C ASN B 448 -22.48 28.03 -4.89
N THR B 449 -23.17 28.80 -4.06
CA THR B 449 -22.70 30.08 -3.54
C THR B 449 -22.29 29.88 -2.10
N GLU B 450 -21.13 30.41 -1.72
CA GLU B 450 -20.55 30.15 -0.41
C GLU B 450 -19.93 31.40 0.17
N ALA B 451 -20.05 31.56 1.50
CA ALA B 451 -19.40 32.64 2.23
C ALA B 451 -18.73 32.07 3.47
N LYS B 452 -17.65 32.71 3.91
CA LYS B 452 -16.79 32.16 4.94
C LYS B 452 -16.08 33.28 5.69
N LEU B 453 -15.76 33.02 6.96
CA LEU B 453 -14.99 33.95 7.78
C LEU B 453 -13.77 33.25 8.35
N LEU B 454 -12.62 33.90 8.24
CA LEU B 454 -11.34 33.33 8.63
C LEU B 454 -10.73 34.20 9.72
N ALA B 455 -10.85 33.76 10.97
CA ALA B 455 -10.40 34.54 12.13
C ALA B 455 -9.30 33.77 12.86
N THR B 456 -8.12 34.39 12.99
CA THR B 456 -6.95 33.76 13.57
C THR B 456 -6.34 34.67 14.64
N HIS B 457 -5.66 34.05 15.60
CA HIS B 457 -4.92 34.76 16.63
C HIS B 457 -3.58 34.09 16.84
N TYR B 458 -2.54 34.90 17.07
CA TYR B 458 -1.18 34.41 17.29
C TYR B 458 -0.62 34.92 18.60
N GLN B 459 0.29 34.12 19.16
CA GLN B 459 1.11 34.52 20.30
C GLN B 459 2.52 34.07 19.98
N GLN B 460 3.40 35.00 19.63
CA GLN B 460 4.75 34.67 19.23
C GLN B 460 5.73 35.11 20.30
N THR B 461 6.57 34.19 20.75
CA THR B 461 7.59 34.46 21.74
C THR B 461 8.94 34.05 21.20
N ASN B 462 10.00 34.46 21.90
CA ASN B 462 11.37 34.13 21.54
C ASN B 462 11.74 34.73 20.19
N LEU B 463 11.48 36.02 20.04
CA LEU B 463 11.70 36.73 18.79
C LEU B 463 12.95 37.61 18.79
N ASP B 464 13.74 37.60 19.86
CA ASP B 464 14.89 38.49 19.94
C ASP B 464 15.94 38.17 18.89
N TRP B 465 16.21 36.89 18.66
CA TRP B 465 17.27 36.50 17.74
C TRP B 465 16.86 36.73 16.29
N TYR B 466 15.58 36.49 15.97
CA TYR B 466 15.12 36.69 14.60
C TYR B 466 14.99 38.17 14.26
N ASN B 467 14.46 38.97 15.19
CA ASN B 467 14.21 40.37 14.91
C ASN B 467 15.49 41.18 14.79
N SER B 468 16.62 40.66 15.26
CA SER B 468 17.86 41.41 15.18
C SER B 468 18.45 41.41 13.78
N ARG B 469 18.29 40.33 13.02
CA ARG B 469 18.96 40.16 11.74
C ARG B 469 18.00 40.16 10.57
N ASN B 470 16.79 40.71 10.75
CA ASN B 470 15.83 40.83 9.66
C ASN B 470 15.20 42.22 9.68
N THR B 471 15.06 42.81 8.50
CA THR B 471 14.57 44.18 8.41
C THR B 471 13.13 44.29 8.88
N THR B 472 12.27 43.37 8.47
CA THR B 472 10.88 43.37 8.90
C THR B 472 10.73 42.47 10.12
N LYS B 473 9.99 42.95 11.12
CA LYS B 473 9.96 42.36 12.44
C LYS B 473 8.70 41.53 12.64
N LEU B 474 8.83 40.49 13.45
CA LEU B 474 7.69 39.69 13.89
C LEU B 474 7.07 40.32 15.13
N ASP B 475 5.76 40.24 15.23
CA ASP B 475 5.04 40.80 16.36
C ASP B 475 4.79 39.74 17.42
N GLU B 476 4.40 40.19 18.60
CA GLU B 476 4.09 39.28 19.68
C GLU B 476 2.63 38.84 19.69
N SER B 477 1.73 39.66 19.15
CA SER B 477 0.29 39.37 19.15
C SER B 477 -0.30 39.85 17.84
N VAL B 478 -0.87 38.93 17.07
CA VAL B 478 -1.40 39.21 15.73
C VAL B 478 -2.83 38.71 15.65
N ASN B 479 -3.72 39.53 15.11
CA ASN B 479 -5.08 39.15 14.75
C ASN B 479 -5.25 39.29 13.25
N ARG B 480 -5.91 38.31 12.64
CA ARG B 480 -6.12 38.31 11.20
C ARG B 480 -7.54 37.83 10.90
N VAL B 481 -8.42 38.75 10.50
CA VAL B 481 -9.80 38.45 10.17
C VAL B 481 -10.05 38.83 8.73
N MET B 482 -10.55 37.89 7.94
CA MET B 482 -10.79 38.13 6.52
C MET B 482 -11.94 37.25 6.05
N PRO B 483 -12.90 37.79 5.31
CA PRO B 483 -13.95 36.96 4.72
C PRO B 483 -13.52 36.38 3.38
N GLN B 484 -14.35 35.46 2.89
CA GLN B 484 -14.10 34.82 1.60
C GLN B 484 -15.42 34.49 0.94
N PHE B 485 -15.58 34.88 -0.31
CA PHE B 485 -16.81 34.66 -1.06
C PHE B 485 -16.49 33.91 -2.34
N LYS B 486 -17.26 32.86 -2.63
CA LYS B 486 -16.99 31.99 -3.76
C LYS B 486 -18.30 31.60 -4.43
N VAL B 487 -18.28 31.51 -5.75
CA VAL B 487 -19.41 31.04 -6.55
C VAL B 487 -18.90 29.98 -7.52
N ASP B 488 -19.56 28.84 -7.58
CA ASP B 488 -19.12 27.71 -8.39
C ASP B 488 -20.28 27.22 -9.25
N GLY B 489 -20.05 27.09 -10.56
CA GLY B 489 -21.09 26.67 -11.48
C GLY B 489 -20.67 25.45 -12.27
N LYS B 490 -21.67 24.82 -12.88
CA LYS B 490 -21.44 23.61 -13.67
C LYS B 490 -22.62 23.38 -14.60
N MET B 491 -22.33 22.87 -15.80
CA MET B 491 -23.35 22.44 -16.74
C MET B 491 -22.93 21.11 -17.35
N VAL B 492 -23.89 20.40 -17.94
CA VAL B 492 -23.60 19.19 -18.68
C VAL B 492 -24.42 19.19 -19.97
N PHE B 493 -23.74 18.86 -21.07
CA PHE B 493 -24.36 18.68 -22.37
C PHE B 493 -24.09 17.25 -22.80
N GLU B 494 -24.91 16.76 -23.73
CA GLU B 494 -24.75 15.42 -24.26
C GLU B 494 -25.05 15.43 -25.75
N ARG B 495 -24.55 14.42 -26.45
CA ARG B 495 -24.90 14.22 -27.84
C ARG B 495 -24.70 12.76 -28.18
N ASP B 496 -25.50 12.26 -29.12
CA ASP B 496 -25.38 10.88 -29.56
C ASP B 496 -24.25 10.79 -30.57
N MET B 497 -23.16 10.14 -30.18
CA MET B 497 -21.99 9.99 -31.03
C MET B 497 -22.07 8.62 -31.68
N GLU B 498 -22.68 8.59 -32.87
CA GLU B 498 -22.89 7.34 -33.59
C GLU B 498 -21.84 7.08 -34.66
N MET B 499 -21.12 8.11 -35.10
CA MET B 499 -20.07 7.91 -36.09
C MET B 499 -18.83 7.24 -35.49
N LEU B 500 -18.71 7.19 -34.16
CA LEU B 500 -17.67 6.39 -33.54
C LEU B 500 -18.10 4.93 -33.46
N ALA B 501 -19.23 4.67 -32.81
CA ALA B 501 -19.82 3.34 -32.77
C ALA B 501 -21.27 3.49 -32.37
N PRO B 502 -22.15 2.56 -32.75
CA PRO B 502 -23.55 2.68 -32.36
C PRO B 502 -23.73 2.63 -30.85
N GLY B 503 -24.65 3.45 -30.36
CA GLY B 503 -25.00 3.47 -28.95
C GLY B 503 -24.13 4.33 -28.07
N TYR B 504 -23.05 4.90 -28.60
CA TYR B 504 -22.16 5.73 -27.80
C TYR B 504 -22.78 7.10 -27.57
N THR B 505 -22.28 7.78 -26.54
CA THR B 505 -22.62 9.18 -26.29
C THR B 505 -21.36 9.93 -25.90
N GLN B 506 -21.40 11.24 -26.05
CA GLN B 506 -20.34 12.13 -25.61
C GLN B 506 -20.94 13.23 -24.73
N THR B 507 -20.21 13.63 -23.71
CA THR B 507 -20.65 14.68 -22.79
C THR B 507 -19.65 15.83 -22.78
N LEU B 508 -20.15 17.03 -22.55
CA LEU B 508 -19.35 18.24 -22.44
C LEU B 508 -19.75 18.96 -21.17
N GLU B 509 -18.82 19.14 -20.24
CA GLU B 509 -19.12 19.64 -18.90
C GLU B 509 -18.28 20.87 -18.59
N PRO B 510 -18.72 22.06 -18.98
CA PRO B 510 -17.98 23.28 -18.62
C PRO B 510 -18.24 23.71 -17.19
N ARG B 511 -17.19 24.22 -16.56
CA ARG B 511 -17.23 24.63 -15.15
C ARG B 511 -16.60 26.01 -15.01
N ALA B 512 -17.10 26.79 -14.06
CA ALA B 512 -16.57 28.11 -13.77
C ALA B 512 -16.65 28.38 -12.28
N GLN B 513 -15.76 29.24 -11.80
CA GLN B 513 -15.71 29.58 -10.38
C GLN B 513 -15.17 30.99 -10.24
N TYR B 514 -15.68 31.73 -9.26
CA TYR B 514 -15.18 33.05 -8.92
C TYR B 514 -14.86 33.09 -7.44
N LEU B 515 -13.66 33.56 -7.10
CA LEU B 515 -13.19 33.62 -5.72
C LEU B 515 -12.72 35.03 -5.40
N TYR B 516 -13.10 35.52 -4.21
CA TYR B 516 -12.63 36.82 -3.74
C TYR B 516 -12.23 36.72 -2.27
N VAL B 517 -10.98 37.05 -1.97
CA VAL B 517 -10.46 37.17 -0.61
C VAL B 517 -9.71 38.49 -0.51
N PRO B 518 -9.93 39.30 0.52
CA PRO B 518 -9.22 40.58 0.63
C PRO B 518 -7.77 40.39 1.05
N TYR B 519 -7.03 41.49 1.05
CA TYR B 519 -5.60 41.49 1.29
C TYR B 519 -5.29 41.88 2.72
N ARG B 520 -4.54 41.01 3.42
CA ARG B 520 -4.00 41.28 4.74
C ARG B 520 -2.49 41.14 4.69
N ASP B 521 -1.77 42.06 5.33
CA ASP B 521 -0.32 42.03 5.34
C ASP B 521 0.14 41.04 6.41
N GLN B 522 0.73 39.93 5.98
CA GLN B 522 1.09 38.83 6.87
C GLN B 522 2.60 38.66 6.98
N SER B 523 3.34 39.75 6.90
CA SER B 523 4.79 39.73 7.03
C SER B 523 5.25 39.79 8.47
N ASP B 524 4.35 40.04 9.42
CA ASP B 524 4.66 39.98 10.84
C ASP B 524 4.34 38.63 11.45
N ILE B 525 3.91 37.67 10.65
CA ILE B 525 3.65 36.30 11.07
C ILE B 525 4.75 35.44 10.46
N TYR B 526 5.43 34.67 11.29
CA TYR B 526 6.39 33.72 10.77
C TYR B 526 5.65 32.57 10.08
N ASN B 527 6.26 32.03 9.04
CA ASN B 527 5.66 30.95 8.28
C ASN B 527 6.09 29.63 8.89
N TYR B 528 5.17 28.96 9.59
CA TYR B 528 5.44 27.69 10.24
C TYR B 528 4.99 26.50 9.42
N ASP B 529 3.77 26.54 8.88
CA ASP B 529 3.19 25.36 8.24
C ASP B 529 2.45 25.71 6.95
N SER B 530 2.99 26.62 6.15
CA SER B 530 2.40 26.93 4.85
C SER B 530 3.38 26.63 3.72
N SER B 531 2.95 25.83 2.77
CA SER B 531 3.73 25.51 1.59
C SER B 531 2.89 25.71 0.34
N LEU B 532 3.54 26.10 -0.74
CA LEU B 532 2.85 26.35 -1.99
C LEU B 532 2.26 25.06 -2.54
N LEU B 533 1.01 25.12 -2.99
CA LEU B 533 0.30 23.96 -3.49
C LEU B 533 0.38 23.88 -5.01
N GLN B 534 0.39 22.66 -5.53
CA GLN B 534 0.44 22.43 -6.96
C GLN B 534 -0.89 22.79 -7.62
N SER B 535 -0.83 23.19 -8.89
CA SER B 535 -2.02 23.51 -9.67
C SER B 535 -2.11 22.57 -10.85
N ASP B 536 -2.64 21.37 -10.59
CA ASP B 536 -3.03 20.46 -11.66
C ASP B 536 -4.45 20.81 -12.06
N TYR B 537 -5.08 20.02 -12.93
CA TYR B 537 -6.44 20.36 -13.33
C TYR B 537 -7.41 20.24 -12.15
N SER B 538 -7.20 19.25 -11.30
CA SER B 538 -8.08 19.09 -10.14
C SER B 538 -7.96 20.27 -9.20
N GLY B 539 -6.75 20.80 -9.04
CA GLY B 539 -6.45 21.90 -8.16
C GLY B 539 -6.61 23.29 -8.75
N LEU B 540 -7.16 23.40 -9.96
CA LEU B 540 -7.46 24.73 -10.49
C LEU B 540 -8.59 25.39 -9.71
N PHE B 541 -9.54 24.60 -9.21
CA PHE B 541 -10.72 25.11 -8.54
C PHE B 541 -10.57 25.12 -7.03
N ARG B 542 -9.36 24.89 -6.54
CA ARG B 542 -9.05 25.02 -5.12
C ARG B 542 -9.16 26.48 -4.70
N ASP B 543 -9.58 26.69 -3.46
CA ASP B 543 -9.74 28.03 -2.92
C ASP B 543 -8.55 28.48 -2.09
N ARG B 544 -7.46 27.72 -2.09
CA ARG B 544 -6.27 28.05 -1.33
C ARG B 544 -5.03 27.94 -2.21
N THR B 545 -4.06 28.83 -1.95
CA THR B 545 -2.77 28.79 -2.63
C THR B 545 -1.69 28.13 -1.79
N TYR B 546 -1.86 28.09 -0.48
CA TYR B 546 -0.92 27.47 0.45
C TYR B 546 -1.63 26.43 1.28
N GLY B 547 -0.85 25.48 1.79
CA GLY B 547 -1.36 24.63 2.85
C GLY B 547 -1.26 25.32 4.20
N GLY B 548 -1.87 24.72 5.20
CA GLY B 548 -1.78 25.33 6.51
C GLY B 548 -2.53 26.65 6.57
N LEU B 549 -2.17 27.47 7.58
CA LEU B 549 -2.91 28.69 7.84
C LEU B 549 -2.00 29.89 8.13
N ASP B 550 -0.74 29.84 7.74
CA ASP B 550 0.17 30.95 8.02
C ASP B 550 0.22 31.97 6.91
N ARG B 551 0.01 31.53 5.67
CA ARG B 551 -0.05 32.42 4.51
C ARG B 551 -1.38 32.18 3.84
N ILE B 552 -2.23 33.20 3.82
CA ILE B 552 -3.50 33.16 3.12
C ILE B 552 -3.46 34.27 2.09
N ALA B 553 -3.22 33.92 0.83
CA ALA B 553 -3.11 34.90 -0.24
C ALA B 553 -4.45 35.50 -0.58
N SER B 554 -4.43 36.71 -1.11
CA SER B 554 -5.64 37.32 -1.62
C SER B 554 -6.05 36.65 -2.93
N ALA B 555 -7.32 36.84 -3.30
CA ALA B 555 -7.84 36.22 -4.50
C ALA B 555 -8.87 37.14 -5.12
N ASN B 556 -8.71 37.41 -6.42
CA ASN B 556 -9.74 38.07 -7.21
C ASN B 556 -9.60 37.48 -8.61
N GLN B 557 -10.30 36.38 -8.86
CA GLN B 557 -9.95 35.52 -9.99
C GLN B 557 -11.14 34.70 -10.43
N VAL B 558 -11.07 34.22 -11.68
CA VAL B 558 -12.07 33.35 -12.28
C VAL B 558 -11.37 32.14 -12.86
N THR B 559 -11.85 30.94 -12.51
CA THR B 559 -11.38 29.69 -13.09
C THR B 559 -12.40 29.20 -14.10
N THR B 560 -11.93 28.81 -15.28
CA THR B 560 -12.79 28.22 -16.29
C THR B 560 -12.17 26.91 -16.76
N GLY B 561 -13.01 25.90 -16.95
CA GLY B 561 -12.55 24.60 -17.38
C GLY B 561 -13.64 23.88 -18.15
N VAL B 562 -13.26 22.77 -18.78
CA VAL B 562 -14.19 21.96 -19.54
C VAL B 562 -13.67 20.53 -19.57
N THR B 563 -14.58 19.58 -19.38
CA THR B 563 -14.28 18.15 -19.44
C THR B 563 -15.18 17.49 -20.47
N SER B 564 -14.62 16.55 -21.23
CA SER B 564 -15.40 15.78 -22.19
C SER B 564 -15.18 14.31 -21.92
N ARG B 565 -16.27 13.54 -21.93
CA ARG B 565 -16.21 12.10 -21.68
C ARG B 565 -16.88 11.37 -22.84
N ILE B 566 -16.46 10.13 -23.06
CA ILE B 566 -17.02 9.29 -24.09
C ILE B 566 -17.48 8.01 -23.42
N TYR B 567 -18.76 7.71 -23.52
CA TYR B 567 -19.37 6.52 -22.95
C TYR B 567 -19.76 5.58 -24.07
N ASP B 568 -19.72 4.29 -23.79
CA ASP B 568 -20.12 3.30 -24.78
C ASP B 568 -21.56 2.86 -24.54
N ASP B 569 -22.01 1.85 -25.28
CA ASP B 569 -23.41 1.44 -25.21
C ASP B 569 -23.78 0.82 -23.88
N ALA B 570 -22.80 0.35 -23.10
CA ALA B 570 -23.03 -0.14 -21.76
C ALA B 570 -22.98 0.97 -20.72
N ALA B 571 -22.96 2.22 -21.16
CA ALA B 571 -22.84 3.39 -20.28
C ALA B 571 -21.59 3.32 -19.43
N VAL B 572 -20.52 2.79 -20.01
CA VAL B 572 -19.22 2.66 -19.35
C VAL B 572 -18.29 3.68 -19.97
N GLU B 573 -17.62 4.46 -19.12
CA GLU B 573 -16.76 5.53 -19.61
C GLU B 573 -15.50 4.96 -20.24
N ARG B 574 -15.14 5.53 -21.38
CA ARG B 574 -14.01 5.11 -22.19
C ARG B 574 -12.85 6.10 -22.18
N PHE B 575 -13.17 7.40 -22.21
CA PHE B 575 -12.21 8.46 -22.45
C PHE B 575 -12.65 9.70 -21.68
N ASN B 576 -11.69 10.47 -21.19
CA ASN B 576 -11.99 11.81 -20.68
C ASN B 576 -10.77 12.71 -20.85
N ILE B 577 -11.01 13.97 -21.19
CA ILE B 577 -9.97 14.96 -21.40
C ILE B 577 -10.43 16.29 -20.79
N SER B 578 -9.50 17.00 -20.15
CA SER B 578 -9.83 18.20 -19.41
C SER B 578 -8.81 19.30 -19.68
N VAL B 579 -9.29 20.55 -19.78
CA VAL B 579 -8.44 21.74 -19.92
C VAL B 579 -9.00 22.83 -19.04
N GLY B 580 -8.13 23.71 -18.53
CA GLY B 580 -8.59 24.80 -17.69
C GLY B 580 -7.53 25.86 -17.52
N GLN B 581 -7.96 26.98 -16.93
CA GLN B 581 -7.08 28.12 -16.68
C GLN B 581 -7.59 28.91 -15.49
N ILE B 582 -6.73 29.78 -14.96
CA ILE B 582 -7.11 30.73 -13.92
C ILE B 582 -6.74 32.13 -14.39
N TYR B 583 -7.69 33.05 -14.31
CA TYR B 583 -7.51 34.43 -14.74
C TYR B 583 -7.56 35.33 -13.52
N TYR B 584 -6.51 36.12 -13.32
CA TYR B 584 -6.38 36.97 -12.14
C TYR B 584 -6.71 38.41 -12.50
N PHE B 585 -7.60 39.02 -11.73
CA PHE B 585 -7.92 40.43 -11.92
C PHE B 585 -7.00 41.33 -11.11
N THR B 586 -6.49 40.83 -9.98
CA THR B 586 -5.47 41.53 -9.22
C THR B 586 -4.44 40.50 -8.76
N GLU B 587 -3.25 41.00 -8.43
CA GLU B 587 -2.17 40.13 -7.98
C GLU B 587 -2.49 39.51 -6.63
N SER B 588 -2.09 38.25 -6.45
CA SER B 588 -2.28 37.52 -5.20
C SER B 588 -1.08 37.78 -4.29
N ARG B 589 -1.31 38.47 -3.18
CA ARG B 589 -0.24 38.84 -2.26
C ARG B 589 -0.59 38.39 -0.84
N THR B 590 0.43 37.88 -0.14
CA THR B 590 0.33 37.63 1.30
C THR B 590 1.08 38.66 2.11
N GLY B 591 1.70 39.65 1.47
CA GLY B 591 2.53 40.60 2.14
C GLY B 591 3.98 40.17 2.27
N ASP B 592 4.26 38.89 2.08
CA ASP B 592 5.61 38.32 2.16
C ASP B 592 5.81 37.52 0.87
N ASP B 593 6.14 38.21 -0.21
CA ASP B 593 6.15 37.65 -1.56
C ASP B 593 7.59 37.62 -2.07
N ASN B 594 8.19 36.43 -2.12
CA ASN B 594 9.59 36.32 -2.53
C ASN B 594 9.81 35.12 -3.45
N ILE B 595 8.77 34.69 -4.16
CA ILE B 595 8.93 33.64 -5.16
C ILE B 595 9.78 34.16 -6.32
N THR B 596 10.53 33.26 -6.94
CA THR B 596 11.44 33.63 -8.02
C THR B 596 10.81 33.28 -9.36
N TRP B 597 10.00 34.20 -9.87
CA TRP B 597 9.38 34.03 -11.17
C TRP B 597 10.30 34.56 -12.27
N GLU B 598 10.29 33.89 -13.41
CA GLU B 598 11.08 34.36 -14.54
C GLU B 598 10.45 35.57 -15.21
N ASN B 599 9.13 35.74 -15.09
CA ASN B 599 8.42 36.85 -15.68
C ASN B 599 7.81 37.72 -14.59
N ASP B 600 7.71 39.01 -14.88
CA ASP B 600 7.06 39.97 -14.00
C ASP B 600 5.58 40.14 -14.36
N ASP B 601 4.86 39.02 -14.41
CA ASP B 601 3.44 39.02 -14.68
C ASP B 601 2.67 38.87 -13.37
N LYS B 602 1.64 39.68 -13.20
CA LYS B 602 0.82 39.63 -12.00
C LYS B 602 -0.63 39.32 -12.28
N THR B 603 -1.21 39.91 -13.32
CA THR B 603 -2.61 39.75 -13.66
C THR B 603 -2.73 39.11 -15.03
N GLY B 604 -3.86 38.48 -15.27
CA GLY B 604 -4.14 37.85 -16.54
C GLY B 604 -4.24 36.35 -16.40
N SER B 605 -4.26 35.68 -17.54
CA SER B 605 -4.34 34.22 -17.59
C SER B 605 -2.95 33.65 -17.38
N LEU B 606 -2.67 33.17 -16.16
CA LEU B 606 -1.32 32.79 -15.79
C LEU B 606 -1.12 31.30 -15.59
N VAL B 607 -2.16 30.54 -15.26
CA VAL B 607 -2.04 29.12 -14.95
C VAL B 607 -2.91 28.33 -15.91
N TRP B 608 -2.36 27.26 -16.48
CA TRP B 608 -3.07 26.34 -17.36
C TRP B 608 -2.78 24.92 -16.93
N ALA B 609 -3.73 24.01 -17.17
CA ALA B 609 -3.55 22.62 -16.77
C ALA B 609 -4.46 21.73 -17.61
N GLY B 610 -4.11 20.45 -17.66
CA GLY B 610 -4.86 19.48 -18.44
C GLY B 610 -4.61 18.07 -17.98
N ASP B 611 -5.54 17.18 -18.28
CA ASP B 611 -5.51 15.79 -17.87
C ASP B 611 -6.15 14.94 -18.96
N THR B 612 -5.80 13.66 -18.98
CA THR B 612 -6.41 12.73 -19.92
C THR B 612 -6.37 11.33 -19.35
N TYR B 613 -7.26 10.48 -19.86
CA TYR B 613 -7.30 9.07 -19.48
C TYR B 613 -8.10 8.33 -20.54
N TRP B 614 -7.46 7.37 -21.19
CA TRP B 614 -8.10 6.57 -22.23
C TRP B 614 -7.96 5.10 -21.84
N ARG B 615 -9.10 4.44 -21.63
CA ARG B 615 -9.14 3.01 -21.36
C ARG B 615 -9.33 2.29 -22.69
N ILE B 616 -8.21 2.04 -23.36
CA ILE B 616 -8.24 1.52 -24.74
C ILE B 616 -8.93 0.17 -24.79
N SER B 617 -8.66 -0.70 -23.82
CA SER B 617 -9.26 -2.02 -23.75
C SER B 617 -9.33 -2.42 -22.29
N GLU B 618 -9.63 -3.70 -22.04
CA GLU B 618 -9.52 -4.21 -20.69
C GLU B 618 -8.08 -4.38 -20.25
N ARG B 619 -7.12 -4.27 -21.17
CA ARG B 619 -5.72 -4.47 -20.85
C ARG B 619 -4.84 -3.27 -21.16
N TRP B 620 -5.31 -2.30 -21.93
CA TRP B 620 -4.54 -1.11 -22.28
C TRP B 620 -5.08 0.11 -21.58
N GLY B 621 -4.17 1.02 -21.23
CA GLY B 621 -4.54 2.25 -20.57
C GLY B 621 -3.52 3.36 -20.80
N LEU B 622 -3.99 4.59 -20.93
CA LEU B 622 -3.12 5.73 -21.21
C LEU B 622 -3.52 6.89 -20.30
N ARG B 623 -2.53 7.51 -19.66
CA ARG B 623 -2.76 8.63 -18.76
C ARG B 623 -1.79 9.75 -19.09
N GLY B 624 -2.21 10.98 -18.81
CA GLY B 624 -1.39 12.14 -19.10
C GLY B 624 -1.83 13.31 -18.26
N GLY B 625 -0.92 14.28 -18.13
CA GLY B 625 -1.21 15.50 -17.43
C GLY B 625 -0.14 16.53 -17.66
N ILE B 626 -0.52 17.78 -17.88
CA ILE B 626 0.44 18.84 -18.18
C ILE B 626 0.03 20.09 -17.42
N GLN B 627 1.02 20.82 -16.91
CA GLN B 627 0.81 22.11 -16.29
C GLN B 627 1.70 23.13 -16.96
N TYR B 628 1.14 24.29 -17.25
CA TYR B 628 1.87 25.39 -17.86
C TYR B 628 1.68 26.63 -17.00
N ASP B 629 2.76 27.37 -16.77
CA ASP B 629 2.69 28.60 -16.00
C ASP B 629 3.38 29.71 -16.79
N THR B 630 2.67 30.83 -16.96
CA THR B 630 3.18 31.94 -17.77
C THR B 630 4.24 32.74 -17.02
N ARG B 631 4.22 32.72 -15.69
CA ARG B 631 5.28 33.36 -14.93
C ARG B 631 6.58 32.57 -14.94
N LEU B 632 6.57 31.32 -15.40
CA LEU B 632 7.78 30.56 -15.62
C LEU B 632 8.24 30.58 -17.07
N ASP B 633 7.37 31.00 -17.98
CA ASP B 633 7.66 31.00 -19.42
C ASP B 633 7.99 29.61 -19.95
N ASN B 634 7.43 28.57 -19.31
CA ASN B 634 7.77 27.20 -19.65
C ASN B 634 6.73 26.28 -19.01
N VAL B 635 6.73 25.03 -19.46
CA VAL B 635 5.88 24.01 -18.86
C VAL B 635 6.38 23.71 -17.46
N ALA B 636 5.52 23.92 -16.46
CA ALA B 636 5.93 23.70 -15.08
C ALA B 636 6.27 22.23 -14.84
N THR B 637 5.29 21.35 -14.98
CA THR B 637 5.47 19.92 -14.80
C THR B 637 4.65 19.18 -15.84
N SER B 638 4.94 17.89 -16.01
CA SER B 638 4.23 17.04 -16.94
C SER B 638 4.48 15.59 -16.55
N ASN B 639 3.56 14.72 -16.96
CA ASN B 639 3.75 13.28 -16.76
C ASN B 639 2.87 12.51 -17.72
N SER B 640 3.30 11.30 -18.05
CA SER B 640 2.60 10.46 -19.01
C SER B 640 2.86 9.02 -18.63
N SER B 641 2.01 8.12 -19.13
CA SER B 641 2.07 6.71 -18.75
C SER B 641 1.19 5.90 -19.68
N ILE B 642 1.72 4.78 -20.17
CA ILE B 642 0.94 3.81 -20.95
C ILE B 642 1.26 2.42 -20.45
N GLU B 643 0.23 1.60 -20.24
CA GLU B 643 0.40 0.26 -19.69
C GLU B 643 -0.43 -0.76 -20.46
N TYR B 644 0.17 -1.93 -20.68
CA TYR B 644 -0.53 -3.14 -21.06
C TYR B 644 -0.40 -4.16 -19.94
N ARG B 645 -1.52 -4.71 -19.49
CA ARG B 645 -1.52 -5.60 -18.34
C ARG B 645 -2.55 -6.70 -18.54
N ARG B 646 -2.08 -7.91 -18.86
CA ARG B 646 -2.99 -9.04 -19.05
C ARG B 646 -3.46 -9.59 -17.71
N ASP B 647 -2.54 -9.89 -16.82
CA ASP B 647 -2.86 -10.26 -15.44
C ASP B 647 -1.70 -9.84 -14.56
N GLU B 648 -1.65 -10.37 -13.34
CA GLU B 648 -0.61 -9.97 -12.41
C GLU B 648 0.79 -10.34 -12.89
N ASP B 649 0.90 -11.40 -13.68
CA ASP B 649 2.19 -11.91 -14.13
C ASP B 649 2.56 -11.51 -15.55
N ARG B 650 1.78 -10.63 -16.18
CA ARG B 650 2.07 -10.17 -17.54
C ARG B 650 1.75 -8.69 -17.63
N LEU B 651 2.77 -7.85 -17.74
CA LEU B 651 2.53 -6.41 -17.83
C LEU B 651 3.74 -5.72 -18.44
N VAL B 652 3.49 -4.63 -19.16
CA VAL B 652 4.52 -3.73 -19.64
C VAL B 652 4.02 -2.31 -19.40
N GLN B 653 4.90 -1.44 -18.91
CA GLN B 653 4.53 -0.07 -18.63
C GLN B 653 5.65 0.88 -19.02
N LEU B 654 5.27 1.98 -19.67
CA LEU B 654 6.18 3.07 -20.00
C LEU B 654 5.67 4.34 -19.34
N ASN B 655 6.58 5.15 -18.80
CA ASN B 655 6.14 6.38 -18.16
C ASN B 655 7.22 7.44 -18.31
N TYR B 656 6.81 8.69 -18.15
CA TYR B 656 7.69 9.84 -18.27
C TYR B 656 7.27 10.90 -17.24
N ARG B 657 8.26 11.54 -16.62
CA ARG B 657 8.01 12.62 -15.68
C ARG B 657 8.92 13.79 -16.00
N TYR B 658 8.36 15.00 -15.94
CA TYR B 658 9.09 16.21 -16.24
C TYR B 658 8.83 17.26 -15.17
N ALA B 659 9.87 18.00 -14.81
CA ALA B 659 9.77 19.17 -13.94
C ALA B 659 10.85 20.14 -14.38
N SER B 660 10.46 21.36 -14.72
CA SER B 660 11.37 22.29 -15.35
C SER B 660 12.39 22.83 -14.35
N PRO B 661 13.54 23.29 -14.83
CA PRO B 661 14.49 23.97 -13.93
C PRO B 661 13.92 25.20 -13.27
N GLU B 662 13.00 25.90 -13.94
CA GLU B 662 12.42 27.10 -13.38
C GLU B 662 11.40 26.78 -12.30
N TYR B 663 10.76 25.63 -12.37
CA TYR B 663 9.85 25.22 -11.31
C TYR B 663 10.60 24.88 -10.03
N ILE B 664 11.76 24.26 -10.15
CA ILE B 664 12.61 23.97 -8.99
C ILE B 664 13.04 25.28 -8.33
N GLN B 665 13.39 26.28 -9.14
CA GLN B 665 13.82 27.56 -8.61
C GLN B 665 12.69 28.27 -7.90
N ALA B 666 11.47 28.18 -8.41
CA ALA B 666 10.37 28.96 -7.86
C ALA B 666 9.87 28.41 -6.53
N THR B 667 9.74 27.09 -6.41
CA THR B 667 8.98 26.52 -5.31
C THR B 667 9.82 25.88 -4.22
N LEU B 668 11.01 25.40 -4.52
CA LEU B 668 11.85 24.66 -3.59
C LEU B 668 12.88 25.58 -2.96
N PRO B 669 13.65 25.10 -1.95
CA PRO B 669 14.64 25.95 -1.29
C PRO B 669 15.60 26.67 -2.23
N LYS B 670 16.27 27.70 -1.73
CA LYS B 670 17.08 28.55 -2.59
C LYS B 670 18.39 27.89 -2.99
N TYR B 671 18.88 26.91 -2.24
CA TYR B 671 20.10 26.24 -2.64
C TYR B 671 19.86 25.14 -3.65
N TYR B 672 18.60 24.80 -3.92
CA TYR B 672 18.30 23.83 -4.98
C TYR B 672 18.66 24.39 -6.35
N SER B 673 18.41 25.68 -6.58
CA SER B 673 18.65 26.27 -7.89
C SER B 673 20.12 26.45 -8.20
N THR B 674 21.02 26.22 -7.23
CA THR B 674 22.45 26.30 -7.46
C THR B 674 23.18 24.99 -7.23
N ALA B 675 22.58 24.02 -6.54
CA ALA B 675 23.20 22.74 -6.30
C ALA B 675 23.07 21.85 -7.53
N GLU B 676 24.15 21.14 -7.86
CA GLU B 676 24.19 20.37 -9.09
C GLU B 676 23.22 19.20 -9.09
N GLN B 677 22.96 18.62 -7.93
CA GLN B 677 22.07 17.47 -7.85
C GLN B 677 20.59 17.85 -7.75
N TYR B 678 20.26 19.14 -7.80
CA TYR B 678 18.89 19.58 -7.67
C TYR B 678 18.46 20.52 -8.80
N LYS B 679 19.42 21.24 -9.40
CA LYS B 679 19.10 22.44 -10.14
C LYS B 679 18.48 22.19 -11.51
N ASN B 680 18.59 20.99 -12.05
CA ASN B 680 18.15 20.74 -13.42
C ASN B 680 16.72 20.27 -13.53
N GLY B 681 16.00 20.14 -12.42
CA GLY B 681 14.67 19.59 -12.49
C GLY B 681 14.68 18.08 -12.71
N ILE B 682 13.61 17.59 -13.31
CA ILE B 682 13.37 16.16 -13.51
C ILE B 682 13.09 15.93 -14.98
N SER B 683 13.71 14.89 -15.55
CA SER B 683 13.34 14.40 -16.87
C SER B 683 13.67 12.90 -16.86
N GLN B 684 12.67 12.08 -16.63
CA GLN B 684 12.86 10.68 -16.28
C GLN B 684 11.98 9.78 -17.14
N VAL B 685 12.60 8.77 -17.76
CA VAL B 685 11.89 7.78 -18.57
C VAL B 685 12.05 6.42 -17.90
N GLY B 686 10.94 5.73 -17.69
CA GLY B 686 10.97 4.45 -17.02
C GLY B 686 10.26 3.37 -17.80
N ALA B 687 10.69 2.13 -17.57
CA ALA B 687 10.05 0.95 -18.14
C ALA B 687 9.96 -0.11 -17.07
N VAL B 688 8.80 -0.77 -17.00
CA VAL B 688 8.55 -1.87 -16.08
C VAL B 688 7.96 -3.02 -16.88
N ALA B 689 8.44 -4.24 -16.63
CA ALA B 689 7.92 -5.38 -17.36
C ALA B 689 7.89 -6.59 -16.44
N SER B 690 7.07 -7.56 -16.81
CA SER B 690 6.91 -8.80 -16.05
C SER B 690 6.31 -9.82 -16.99
N TRP B 691 6.97 -10.96 -17.17
CA TRP B 691 6.46 -11.94 -18.11
C TRP B 691 6.98 -13.32 -17.74
N PRO B 692 6.14 -14.35 -17.82
CA PRO B 692 6.60 -15.70 -17.54
C PRO B 692 7.13 -16.42 -18.77
N ILE B 693 8.07 -17.32 -18.51
CA ILE B 693 8.66 -18.18 -19.54
C ILE B 693 8.47 -19.62 -19.13
N ALA B 694 7.88 -20.43 -20.01
CA ALA B 694 7.74 -21.87 -19.82
C ALA B 694 6.93 -22.22 -18.58
N ASP B 695 6.05 -21.31 -18.16
CA ASP B 695 5.04 -21.50 -17.11
C ASP B 695 5.63 -21.64 -15.71
N ARG B 696 6.96 -21.68 -15.55
CA ARG B 696 7.58 -21.75 -14.24
C ARG B 696 8.50 -20.58 -13.95
N TRP B 697 9.27 -20.14 -14.93
CA TRP B 697 10.11 -18.97 -14.76
C TRP B 697 9.27 -17.69 -14.81
N SER B 698 9.80 -16.64 -14.20
CA SER B 698 9.10 -15.35 -14.14
C SER B 698 10.13 -14.25 -14.03
N ILE B 699 10.28 -13.46 -15.08
CA ILE B 699 11.25 -12.37 -15.12
C ILE B 699 10.55 -11.06 -14.81
N VAL B 700 11.16 -10.26 -13.95
CA VAL B 700 10.69 -8.91 -13.64
C VAL B 700 11.85 -7.95 -13.85
N GLY B 701 11.60 -6.86 -14.57
CA GLY B 701 12.64 -5.88 -14.83
C GLY B 701 12.09 -4.47 -14.72
N ALA B 702 12.99 -3.54 -14.43
CA ALA B 702 12.68 -2.12 -14.36
C ALA B 702 13.92 -1.33 -14.72
N TYR B 703 13.73 -0.23 -15.46
CA TYR B 703 14.84 0.62 -15.84
C TYR B 703 14.38 2.06 -15.88
N TYR B 704 15.00 2.92 -15.08
CA TYR B 704 14.68 4.34 -15.04
C TYR B 704 15.90 5.14 -15.44
N TYR B 705 15.70 6.12 -16.31
CA TYR B 705 16.77 6.84 -16.98
C TYR B 705 16.54 8.33 -16.83
N ASP B 706 17.62 9.08 -16.59
CA ASP B 706 17.56 10.53 -16.48
C ASP B 706 18.13 11.12 -17.77
N THR B 707 17.26 11.69 -18.60
CA THR B 707 17.69 12.17 -19.91
C THR B 707 18.49 13.45 -19.85
N ASN B 708 18.41 14.19 -18.73
CA ASN B 708 19.20 15.41 -18.58
C ASN B 708 20.67 15.09 -18.39
N ALA B 709 20.97 14.14 -17.50
CA ALA B 709 22.34 13.73 -17.22
C ALA B 709 22.81 12.56 -18.05
N ASN B 710 21.90 11.93 -18.81
CA ASN B 710 22.21 10.73 -19.57
C ASN B 710 22.77 9.63 -18.68
N LYS B 711 22.20 9.49 -17.49
CA LYS B 711 22.57 8.44 -16.56
C LYS B 711 21.32 7.84 -15.94
N GLN B 712 21.39 6.55 -15.62
CA GLN B 712 20.24 5.87 -15.04
C GLN B 712 20.01 6.33 -13.61
N ALA B 713 18.75 6.19 -13.18
CA ALA B 713 18.39 6.39 -11.78
C ALA B 713 18.24 5.08 -11.02
N ASP B 714 17.81 4.02 -11.71
CA ASP B 714 17.45 2.76 -11.06
C ASP B 714 17.37 1.70 -12.15
N SER B 715 17.74 0.48 -11.78
CA SER B 715 17.58 -0.67 -12.65
C SER B 715 17.44 -1.91 -11.78
N MET B 716 16.58 -2.84 -12.22
CA MET B 716 16.26 -4.01 -11.43
C MET B 716 16.05 -5.18 -12.36
N LEU B 717 16.36 -6.39 -11.90
CA LEU B 717 16.14 -7.60 -12.68
C LEU B 717 15.99 -8.77 -11.72
N GLY B 718 14.87 -9.48 -11.82
CA GLY B 718 14.62 -10.61 -10.94
C GLY B 718 14.09 -11.81 -11.68
N VAL B 719 14.58 -13.00 -11.33
CA VAL B 719 14.16 -14.26 -11.93
C VAL B 719 13.76 -15.20 -10.81
N GLN B 720 12.60 -15.85 -10.96
CA GLN B 720 12.14 -16.83 -9.99
C GLN B 720 11.68 -18.09 -10.71
N TYR B 721 12.14 -19.24 -10.23
CA TYR B 721 11.67 -20.53 -10.70
C TYR B 721 10.89 -21.20 -9.58
N SER B 722 9.61 -21.47 -9.82
CA SER B 722 8.73 -22.02 -8.79
C SER B 722 8.20 -23.37 -9.26
N SER B 723 8.75 -24.44 -8.71
CA SER B 723 8.36 -25.80 -9.03
C SER B 723 7.21 -26.21 -8.11
N CYS B 724 6.88 -27.49 -8.09
CA CYS B 724 5.86 -28.03 -7.21
C CYS B 724 6.39 -28.41 -5.83
N CYS B 725 7.71 -28.36 -5.62
CA CYS B 725 8.24 -28.66 -4.29
C CYS B 725 9.35 -27.72 -3.83
N TYR B 726 9.66 -26.65 -4.57
CA TYR B 726 10.58 -25.64 -4.10
C TYR B 726 10.40 -24.39 -4.94
N ALA B 727 11.03 -23.31 -4.50
CA ALA B 727 11.03 -22.05 -5.24
C ALA B 727 12.33 -21.32 -4.97
N ILE B 728 12.93 -20.75 -6.03
CA ILE B 728 14.19 -20.04 -5.95
C ILE B 728 14.04 -18.69 -6.62
N ARG B 729 14.47 -17.63 -5.95
CA ARG B 729 14.42 -16.29 -6.51
C ARG B 729 15.79 -15.63 -6.39
N VAL B 730 16.22 -14.97 -7.45
CA VAL B 730 17.45 -14.19 -7.47
C VAL B 730 17.12 -12.80 -7.99
N GLY B 731 17.60 -11.78 -7.28
CA GLY B 731 17.31 -10.41 -7.67
C GLY B 731 18.57 -9.57 -7.74
N TYR B 732 18.47 -8.48 -8.49
CA TYR B 732 19.57 -7.53 -8.66
C TYR B 732 18.97 -6.13 -8.73
N GLU B 733 19.67 -5.15 -8.15
CA GLU B 733 19.24 -3.77 -8.30
C GLU B 733 20.43 -2.84 -8.14
N ARG B 734 20.51 -1.87 -9.05
CA ARG B 734 21.47 -0.77 -8.97
C ARG B 734 20.70 0.52 -8.81
N LYS B 735 21.06 1.32 -7.83
CA LYS B 735 20.27 2.50 -7.49
C LYS B 735 21.17 3.65 -7.14
N LEU B 736 20.61 4.86 -7.17
CA LEU B 736 21.30 6.05 -6.69
C LEU B 736 21.25 6.09 -5.18
N ASN B 737 22.41 6.27 -4.54
CA ASN B 737 22.50 6.11 -3.10
C ASN B 737 23.38 7.18 -2.48
N GLY B 738 23.23 8.43 -2.89
CA GLY B 738 23.97 9.50 -2.26
C GLY B 738 24.65 10.37 -3.27
N TRP B 739 25.50 11.28 -2.78
CA TRP B 739 26.19 12.24 -3.63
C TRP B 739 27.58 12.48 -3.05
N ASP B 740 28.60 12.38 -3.89
CA ASP B 740 29.97 12.63 -3.48
C ASP B 740 30.28 14.10 -3.69
N ASN B 741 30.46 14.83 -2.61
CA ASN B 741 30.63 16.29 -2.70
C ASN B 741 32.03 16.69 -3.15
N ASP B 742 33.00 15.80 -3.04
CA ASP B 742 34.34 16.13 -3.51
C ASP B 742 34.41 16.08 -5.03
N LYS B 743 33.98 14.96 -5.62
CA LYS B 743 34.06 14.77 -7.05
C LYS B 743 32.83 15.26 -7.80
N GLN B 744 31.78 15.67 -7.08
CA GLN B 744 30.55 16.18 -7.69
C GLN B 744 29.92 15.19 -8.66
N HIS B 745 29.84 13.93 -8.23
CA HIS B 745 29.16 12.89 -8.99
C HIS B 745 28.39 12.00 -8.04
N ALA B 746 27.35 11.36 -8.55
CA ALA B 746 26.47 10.56 -7.72
C ALA B 746 27.16 9.26 -7.31
N VAL B 747 26.57 8.60 -6.32
CA VAL B 747 27.08 7.35 -5.75
C VAL B 747 26.02 6.29 -5.95
N TYR B 748 26.43 5.12 -6.44
CA TYR B 748 25.51 4.02 -6.72
C TYR B 748 25.74 2.84 -5.77
N ASP B 749 24.70 2.05 -5.57
CA ASP B 749 24.78 0.83 -4.77
C ASP B 749 24.22 -0.34 -5.57
N ASN B 750 24.92 -1.47 -5.50
CA ASN B 750 24.51 -2.71 -6.15
C ASN B 750 24.14 -3.73 -5.08
N ALA B 751 23.12 -4.53 -5.36
CA ALA B 751 22.68 -5.56 -4.41
C ALA B 751 22.18 -6.77 -5.17
N ILE B 752 22.63 -7.96 -4.75
CA ILE B 752 22.15 -9.23 -5.27
C ILE B 752 21.59 -10.02 -4.10
N GLY B 753 20.37 -10.51 -4.23
CA GLY B 753 19.72 -11.27 -3.17
C GLY B 753 19.34 -12.66 -3.66
N PHE B 754 19.49 -13.64 -2.78
CA PHE B 754 19.17 -15.04 -3.10
C PHE B 754 18.21 -15.58 -2.05
N ASN B 755 17.04 -16.04 -2.51
CA ASN B 755 16.04 -16.62 -1.64
C ASN B 755 15.73 -18.04 -2.11
N ILE B 756 15.45 -18.93 -1.17
CA ILE B 756 15.06 -20.29 -1.47
C ILE B 756 13.89 -20.65 -0.57
N GLU B 757 13.15 -21.68 -0.96
CA GLU B 757 11.88 -21.95 -0.32
C GLU B 757 11.49 -23.40 -0.56
N LEU B 758 10.77 -23.97 0.39
CA LEU B 758 10.18 -25.29 0.24
C LEU B 758 8.69 -25.15 -0.08
N ARG B 759 8.19 -26.07 -0.91
CA ARG B 759 6.80 -26.03 -1.37
C ARG B 759 6.17 -27.39 -1.19
N GLY B 760 4.84 -27.43 -1.32
CA GLY B 760 4.10 -28.67 -1.22
C GLY B 760 3.63 -29.03 0.16
N LEU B 761 4.08 -28.32 1.19
CA LEU B 761 3.70 -28.61 2.56
C LEU B 761 2.54 -27.76 3.03
N SER B 762 2.45 -26.51 2.58
CA SER B 762 1.32 -25.64 2.87
C SER B 762 0.64 -25.27 1.55
N SER B 763 -0.32 -24.34 1.64
CA SER B 763 -1.07 -23.93 0.46
C SER B 763 -0.37 -22.86 -0.35
N ASN B 764 0.81 -22.40 0.08
CA ASN B 764 1.49 -21.31 -0.59
C ASN B 764 2.02 -21.76 -1.95
N TYR B 765 1.63 -21.07 -3.00
CA TYR B 765 2.11 -21.34 -4.36
C TYR B 765 2.36 -20.06 -5.12
N GLY B 766 2.79 -19.01 -4.44
CA GLY B 766 2.98 -17.73 -5.10
C GLY B 766 4.16 -17.76 -6.06
N LEU B 767 4.04 -16.96 -7.12
CA LEU B 767 5.11 -16.80 -8.10
C LEU B 767 6.05 -15.65 -7.76
N GLY B 768 5.75 -14.87 -6.72
CA GLY B 768 6.64 -13.82 -6.25
C GLY B 768 6.67 -12.57 -7.10
N THR B 769 5.73 -12.40 -8.03
CA THR B 769 5.80 -11.29 -8.96
C THR B 769 5.61 -9.95 -8.26
N GLN B 770 4.59 -9.85 -7.39
CA GLN B 770 4.29 -8.57 -6.76
C GLN B 770 5.35 -8.16 -5.75
N GLU B 771 6.02 -9.12 -5.12
CA GLU B 771 7.12 -8.77 -4.24
C GLU B 771 8.31 -8.23 -5.01
N MET B 772 8.55 -8.75 -6.21
CA MET B 772 9.66 -8.28 -7.02
C MET B 772 9.37 -6.92 -7.63
N LEU B 773 8.12 -6.69 -8.06
CA LEU B 773 7.75 -5.43 -8.70
C LEU B 773 7.79 -4.26 -7.75
N ARG B 774 7.78 -4.48 -6.43
CA ARG B 774 7.68 -3.42 -5.45
C ARG B 774 8.96 -3.22 -4.66
N SER B 775 10.07 -3.79 -5.10
CA SER B 775 11.27 -3.88 -4.26
C SER B 775 12.35 -2.87 -4.61
N ASN B 776 12.11 -1.92 -5.51
CA ASN B 776 13.12 -0.94 -5.87
C ASN B 776 12.74 0.43 -5.32
N ILE B 777 13.62 1.41 -5.56
CA ILE B 777 13.40 2.74 -5.00
C ILE B 777 12.23 3.44 -5.68
N LEU B 778 11.98 3.13 -6.95
CA LEU B 778 10.82 3.65 -7.67
C LEU B 778 9.84 2.51 -7.93
N PRO B 779 9.03 2.14 -6.94
CA PRO B 779 8.22 0.93 -7.04
C PRO B 779 7.07 1.07 -8.03
N TYR B 780 6.56 -0.09 -8.45
CA TYR B 780 5.55 -0.16 -9.51
C TYR B 780 4.17 0.19 -8.98
N GLN B 781 3.48 1.09 -9.68
CA GLN B 781 2.10 1.46 -9.37
C GLN B 781 1.21 1.09 -10.55
N ASN B 782 0.07 0.47 -10.24
CA ASN B 782 -0.84 0.00 -11.28
C ASN B 782 -1.66 1.17 -11.80
N THR B 783 -1.39 1.58 -13.03
CA THR B 783 -2.04 2.74 -13.63
C THR B 783 -3.11 2.37 -14.65
N LEU B 784 -3.46 1.10 -14.75
CA LEU B 784 -4.39 0.67 -15.79
C LEU B 784 -5.76 1.27 -15.53
N CYS C 1 11.27 -25.80 14.01
CA CYS C 1 10.99 -25.32 12.67
C CYS C 1 9.62 -24.66 12.65
N GLY C 2 9.56 -23.42 12.18
CA GLY C 2 8.36 -22.63 12.36
C GLY C 2 7.68 -22.14 11.10
N LEU C 3 6.40 -21.84 11.23
CA LEU C 3 5.59 -21.33 10.13
C LEU C 3 4.98 -20.01 10.56
N LYS C 4 5.09 -19.00 9.71
CA LYS C 4 4.60 -17.66 10.00
C LYS C 4 3.33 -17.41 9.21
N GLY C 5 2.34 -16.81 9.86
CA GLY C 5 1.07 -16.62 9.21
C GLY C 5 0.28 -15.43 9.73
N PRO C 6 -0.92 -15.25 9.20
CA PRO C 6 -1.76 -14.11 9.61
C PRO C 6 -2.26 -14.24 11.05
N LEU C 7 -2.53 -13.08 11.64
CA LEU C 7 -3.07 -12.99 12.99
C LEU C 7 -4.58 -13.04 12.96
N TYR C 8 -5.17 -13.51 14.04
CA TYR C 8 -6.62 -13.58 14.18
C TYR C 8 -6.99 -13.47 15.64
N PHE C 9 -8.24 -13.11 15.91
CA PHE C 9 -8.69 -12.96 17.28
C PHE C 9 -8.88 -14.33 17.93
N PRO C 10 -8.55 -14.47 19.20
CA PRO C 10 -8.65 -15.77 19.86
C PRO C 10 -10.10 -16.20 19.99
N PRO C 11 -10.48 -17.32 19.37
CA PRO C 11 -11.87 -17.79 19.36
C PRO C 11 -12.30 -18.42 20.68
N THR C 25 -15.36 -5.12 3.54
CA THR C 25 -15.35 -3.81 4.16
C THR C 25 -14.14 -3.66 5.07
N GLN C 26 -13.84 -2.42 5.47
CA GLN C 26 -12.74 -2.09 6.34
C GLN C 26 -12.79 -0.61 6.70
N THR C 27 -11.82 -0.14 7.49
CA THR C 27 -11.78 1.25 7.92
C THR C 27 -11.17 2.14 6.85
N GLN C 28 -11.80 3.30 6.63
CA GLN C 28 -11.33 4.30 5.68
C GLN C 28 -10.30 5.19 6.38
N SER C 29 -9.04 5.04 6.01
CA SER C 29 -7.95 5.71 6.71
C SER C 29 -7.72 7.11 6.15
N THR C 30 -6.75 7.80 6.73
CA THR C 30 -6.30 9.09 6.22
C THR C 30 -4.79 9.18 6.13
N VAL C 31 -4.06 8.14 6.50
CA VAL C 31 -2.61 8.10 6.45
C VAL C 31 -2.20 7.07 5.41
N PRO C 32 -1.54 7.47 4.32
CA PRO C 32 -1.15 6.51 3.30
C PRO C 32 -0.02 5.60 3.75
N ASP C 33 0.11 4.47 3.05
CA ASP C 33 1.20 3.53 3.27
C ASP C 33 2.37 3.97 2.40
N LYS C 34 3.42 4.49 3.03
CA LYS C 34 4.56 5.02 2.28
C LYS C 34 5.46 3.88 1.84
N ASN C 35 5.55 3.68 0.52
CA ASN C 35 6.47 2.74 -0.10
C ASN C 35 6.30 1.33 0.48
N ASP C 36 5.09 0.82 0.37
CA ASP C 36 4.79 -0.54 0.80
C ASP C 36 5.52 -1.53 -0.08
N ARG C 37 6.15 -2.53 0.54
CA ARG C 37 6.97 -3.49 -0.18
C ARG C 37 6.21 -4.74 -0.60
N ALA C 38 4.91 -4.81 -0.32
CA ALA C 38 4.02 -5.86 -0.81
C ALA C 38 4.50 -7.25 -0.43
N THR C 39 5.02 -7.38 0.80
CA THR C 39 5.42 -8.68 1.32
C THR C 39 4.16 -9.36 1.85
N GLY C 40 3.65 -10.33 1.09
CA GLY C 40 2.34 -10.89 1.38
C GLY C 40 2.29 -11.59 2.72
N ASP C 41 1.13 -11.54 3.36
CA ASP C 41 0.92 -12.14 4.67
C ASP C 41 0.25 -13.50 4.46
N GLY C 42 1.06 -14.55 4.48
CA GLY C 42 0.56 -15.89 4.29
C GLY C 42 1.44 -16.92 4.97
N PRO C 43 0.97 -18.16 5.04
CA PRO C 43 1.75 -19.21 5.70
C PRO C 43 3.05 -19.49 4.98
N SER C 44 4.18 -19.15 5.61
CA SER C 44 5.47 -19.29 4.97
C SER C 44 6.55 -19.56 5.99
N GLN C 45 7.61 -20.21 5.54
CA GLN C 45 8.81 -20.44 6.33
C GLN C 45 9.91 -19.45 6.01
N VAL C 46 9.61 -18.39 5.26
CA VAL C 46 10.54 -17.31 5.01
C VAL C 46 10.04 -16.07 5.72
N ASN C 47 10.96 -15.13 5.97
CA ASN C 47 10.68 -14.03 6.88
C ASN C 47 9.58 -13.12 6.35
N TYR C 48 9.72 -12.64 5.12
CA TYR C 48 8.85 -11.62 4.51
C TYR C 48 8.49 -10.46 5.45
C1 PLM D . 12.51 -25.46 14.71
O2 PLM D . 13.31 -24.78 14.19
C2 PLM D . 12.75 -26.00 16.13
C3 PLM D . 12.89 -27.53 16.10
C4 PLM D . 14.36 -28.01 16.01
C5 PLM D . 15.05 -27.65 14.68
C6 PLM D . 16.55 -27.97 14.73
C7 PLM D . 17.42 -26.73 14.54
C8 PLM D . 17.57 -26.33 13.07
C9 PLM D . 19.03 -26.14 12.71
CA PLM D . 19.25 -25.05 11.67
CB PLM D . 18.57 -23.74 12.01
CC PLM D . 19.19 -23.02 13.19
CD PLM D . 20.70 -22.99 13.14
CE PLM D . 21.31 -22.54 14.46
CF PLM D . 20.80 -23.34 15.64
C01 PXS E . 20.25 -23.66 -5.26
C02 PXS E . 21.20 -24.80 -4.86
C03 PXS E . 20.77 -25.50 -3.55
C04 PXS E . 20.61 -24.50 -2.41
C05 PXS E . 21.03 -25.08 -1.06
C06 PXS E . 20.29 -26.39 -0.74
C07 PXS E . 18.99 -26.14 0.03
C08 PXS E . 19.23 -25.62 1.46
C09 PXS E . 18.17 -24.61 1.89
C10 PXS E . 16.83 -25.30 2.25
C11 PXS E . 16.99 -26.17 3.51
C12 PXS E . 15.67 -26.30 4.26
C13 PXS E . 15.85 -27.15 5.52
C14 PXS E . 14.65 -28.08 5.74
C15 PXS E . 14.04 -27.90 7.13
C16 PXS E . 13.19 -26.63 7.20
O17 PXS E . 13.79 -25.37 7.33
C18 PXS E . 13.58 -24.75 8.56
C19 PXS E . 14.59 -25.35 9.54
C20 PXS E . 13.86 -25.91 10.78
O21 PXS E . 15.51 -24.38 9.89
C22 PXS E . 16.18 -23.79 8.81
C23 PXS E . 16.95 -24.61 7.81
C24 PXS E . 18.40 -24.80 8.23
C25 PXS E . 19.24 -23.57 7.92
C26 PXS E . 19.88 -23.64 6.54
C27 PXS E . 20.80 -24.85 6.41
C28 PXS E . 22.10 -24.51 5.67
C29 PXS E . 23.14 -25.62 5.83
C30 PXS E . 23.36 -26.01 7.29
C31 PXS E . 24.71 -26.70 7.51
C32 PXS E . 24.99 -26.95 8.99
C33 PXS E . 25.06 -28.44 9.32
C34 PXS E . 26.39 -28.82 10.00
C35 PXS E . 26.41 -30.28 10.46
C36 PXS E . 26.31 -31.24 9.28
C37 PXS E . 27.57 -31.18 8.39
O38 PXS E . 16.11 -22.62 8.66
O39 PXS E . 12.02 -26.72 7.15
#